data_2N10
#
_entry.id   2N10
#
_entity_poly.entity_id   1
_entity_poly.type   'polypeptide(L)'
_entity_poly.pdbx_seq_one_letter_code
;GPLGSPNSGTKKYDLSKWKYAELRDTINTSCDIELLAACREEFHRRLKVYHAWKSKNKKR
;
_entity_poly.pdbx_strand_id   A
#
# COMPACT_ATOMS: atom_id res chain seq x y z
N GLY A 1 -2.74 10.07 -31.46
CA GLY A 1 -1.28 9.97 -31.71
C GLY A 1 -0.92 8.54 -32.10
N PRO A 2 0.35 8.28 -32.29
CA PRO A 2 0.84 6.92 -32.68
C PRO A 2 0.22 5.82 -31.82
N LEU A 3 0.47 5.88 -30.52
CA LEU A 3 -0.07 4.87 -29.60
C LEU A 3 -1.58 4.99 -29.52
N GLY A 4 -2.28 4.04 -30.13
CA GLY A 4 -3.74 4.05 -30.12
C GLY A 4 -4.28 3.51 -28.80
N SER A 5 -3.77 2.36 -28.38
CA SER A 5 -4.21 1.74 -27.13
C SER A 5 -5.73 1.66 -27.08
N PRO A 6 -6.32 0.98 -28.03
CA PRO A 6 -7.81 0.81 -28.11
C PRO A 6 -8.33 -0.16 -27.05
N ASN A 7 -7.63 -0.23 -25.92
CA ASN A 7 -8.03 -1.11 -24.83
C ASN A 7 -7.51 -0.61 -23.50
N SER A 8 -8.39 0.05 -22.73
CA SER A 8 -8.01 0.59 -21.43
C SER A 8 -8.90 0.03 -20.33
N GLY A 9 -8.30 -0.71 -19.40
CA GLY A 9 -9.07 -1.30 -18.31
C GLY A 9 -8.15 -1.74 -17.17
N THR A 10 -7.15 -0.90 -16.87
CA THR A 10 -6.21 -1.22 -15.81
C THR A 10 -5.44 0.03 -15.39
N LYS A 11 -4.80 -0.03 -14.23
CA LYS A 11 -4.02 1.10 -13.72
C LYS A 11 -2.53 0.79 -13.75
N LYS A 12 -1.74 1.63 -13.09
CA LYS A 12 -0.30 1.43 -13.06
C LYS A 12 0.09 0.48 -11.92
N TYR A 13 -0.31 0.83 -10.69
CA TYR A 13 0.00 0.01 -9.53
C TYR A 13 -1.25 -0.23 -8.69
N ASP A 14 -1.27 -1.36 -7.99
CA ASP A 14 -2.41 -1.70 -7.15
C ASP A 14 -1.97 -2.67 -6.05
N LEU A 15 -1.94 -2.17 -4.81
CA LEU A 15 -1.53 -2.99 -3.68
C LEU A 15 -2.63 -3.06 -2.63
N SER A 16 -3.80 -3.56 -3.04
CA SER A 16 -4.93 -3.68 -2.13
C SER A 16 -4.46 -4.17 -0.77
N LYS A 17 -3.67 -5.24 -0.77
CA LYS A 17 -3.15 -5.80 0.45
C LYS A 17 -1.98 -6.75 0.14
N TRP A 18 -0.86 -6.53 0.79
CA TRP A 18 0.33 -7.36 0.57
C TRP A 18 0.74 -8.04 1.88
N LYS A 19 1.61 -9.05 1.77
CA LYS A 19 2.09 -9.75 2.95
C LYS A 19 3.40 -9.14 3.45
N TYR A 20 3.68 -9.32 4.73
CA TYR A 20 4.90 -8.77 5.32
C TYR A 20 6.14 -9.37 4.66
N ALA A 21 6.00 -10.62 4.21
CA ALA A 21 7.12 -11.31 3.57
C ALA A 21 7.48 -10.66 2.23
N GLU A 22 6.53 -10.69 1.30
CA GLU A 22 6.76 -10.11 -0.02
C GLU A 22 7.10 -8.63 0.09
N LEU A 23 6.54 -7.96 1.09
CA LEU A 23 6.79 -6.54 1.28
C LEU A 23 8.29 -6.28 1.45
N ARG A 24 8.89 -6.97 2.41
CA ARG A 24 10.32 -6.79 2.67
C ARG A 24 11.15 -7.39 1.54
N ASP A 25 10.71 -8.53 1.02
CA ASP A 25 11.44 -9.18 -0.06
C ASP A 25 11.43 -8.32 -1.32
N THR A 26 10.24 -7.89 -1.74
CA THR A 26 10.12 -7.07 -2.94
C THR A 26 10.93 -5.79 -2.82
N ILE A 27 11.01 -5.23 -1.61
CA ILE A 27 11.75 -4.00 -1.41
C ILE A 27 13.26 -4.26 -1.38
N ASN A 28 13.64 -5.51 -1.10
CA ASN A 28 15.06 -5.87 -1.04
C ASN A 28 15.46 -6.68 -2.28
N THR A 29 14.50 -6.91 -3.17
CA THR A 29 14.77 -7.66 -4.39
C THR A 29 14.46 -6.82 -5.62
N SER A 30 13.28 -6.20 -5.62
CA SER A 30 12.87 -5.35 -6.74
C SER A 30 13.27 -3.90 -6.48
N CYS A 31 13.18 -3.07 -7.52
CA CYS A 31 13.54 -1.67 -7.39
C CYS A 31 12.88 -0.83 -8.48
N ASP A 32 12.13 0.19 -8.07
CA ASP A 32 11.45 1.06 -9.01
C ASP A 32 10.79 2.22 -8.28
N ILE A 33 11.03 3.43 -8.76
CA ILE A 33 10.46 4.63 -8.15
C ILE A 33 9.04 4.37 -7.67
N GLU A 34 8.33 3.52 -8.40
CA GLU A 34 6.95 3.20 -8.05
C GLU A 34 6.89 2.14 -6.96
N LEU A 35 7.61 1.04 -7.16
CA LEU A 35 7.63 -0.05 -6.19
C LEU A 35 7.99 0.49 -4.80
N LEU A 36 9.11 1.20 -4.73
CA LEU A 36 9.56 1.77 -3.46
C LEU A 36 8.59 2.81 -2.93
N ALA A 37 8.26 3.78 -3.78
CA ALA A 37 7.33 4.84 -3.37
C ALA A 37 6.04 4.23 -2.84
N ALA A 38 5.58 3.17 -3.48
CA ALA A 38 4.35 2.51 -3.05
C ALA A 38 4.59 1.69 -1.78
N CYS A 39 5.75 1.06 -1.70
CA CYS A 39 6.09 0.25 -0.53
C CYS A 39 6.05 1.11 0.73
N ARG A 40 6.75 2.24 0.69
CA ARG A 40 6.78 3.14 1.84
C ARG A 40 5.38 3.62 2.20
N GLU A 41 4.61 4.01 1.18
CA GLU A 41 3.25 4.49 1.41
C GLU A 41 2.45 3.47 2.19
N GLU A 42 2.66 2.19 1.88
CA GLU A 42 1.94 1.12 2.56
C GLU A 42 2.48 0.92 3.97
N PHE A 43 3.80 0.96 4.11
CA PHE A 43 4.43 0.79 5.40
C PHE A 43 3.97 1.87 6.38
N HIS A 44 4.11 3.12 5.98
CA HIS A 44 3.70 4.24 6.82
C HIS A 44 2.19 4.22 7.06
N ARG A 45 1.44 3.92 6.00
CA ARG A 45 -0.02 3.88 6.10
C ARG A 45 -0.47 2.74 7.01
N ARG A 46 -0.01 1.52 6.69
CA ARG A 46 -0.38 0.36 7.47
C ARG A 46 -0.03 0.57 8.95
N LEU A 47 1.11 1.20 9.20
CA LEU A 47 1.55 1.46 10.57
C LEU A 47 0.71 2.56 11.21
N LYS A 48 0.26 3.50 10.38
CA LYS A 48 -0.56 4.60 10.87
C LYS A 48 -1.86 4.09 11.46
N VAL A 49 -2.53 3.20 10.73
CA VAL A 49 -3.79 2.63 11.19
C VAL A 49 -3.56 1.70 12.38
N TYR A 50 -2.40 1.03 12.38
CA TYR A 50 -2.07 0.11 13.45
C TYR A 50 -2.17 0.81 14.81
N HIS A 51 -1.49 1.95 14.94
CA HIS A 51 -1.51 2.71 16.18
C HIS A 51 -2.92 3.23 16.46
N ALA A 52 -3.59 3.71 15.41
CA ALA A 52 -4.94 4.24 15.56
C ALA A 52 -5.85 3.21 16.22
N TRP A 53 -5.76 1.96 15.77
CA TRP A 53 -6.59 0.90 16.31
C TRP A 53 -6.32 0.74 17.81
N LYS A 54 -5.10 0.33 18.15
CA LYS A 54 -4.73 0.14 19.55
C LYS A 54 -5.19 1.32 20.39
N SER A 55 -4.67 2.51 20.08
CA SER A 55 -5.02 3.71 20.81
C SER A 55 -5.06 4.92 19.88
N LYS A 56 -6.23 5.55 19.79
CA LYS A 56 -6.39 6.72 18.91
C LYS A 56 -5.64 7.92 19.49
N ASN A 57 -4.98 7.71 20.63
CA ASN A 57 -4.23 8.78 21.28
C ASN A 57 -5.09 10.04 21.38
N LYS A 58 -5.70 10.25 22.54
CA LYS A 58 -6.55 11.41 22.76
C LYS A 58 -6.75 11.65 24.25
N LYS A 59 -6.34 12.83 24.72
CA LYS A 59 -6.47 13.18 26.13
C LYS A 59 -7.29 14.47 26.28
N ARG A 60 -8.57 14.32 26.60
CA ARG A 60 -9.43 15.48 26.77
C ARG A 60 -9.19 16.13 28.12
N GLY A 1 -23.32 -0.83 -13.21
CA GLY A 1 -24.19 -1.55 -14.17
C GLY A 1 -23.84 -1.13 -15.60
N PRO A 2 -22.62 -1.37 -16.01
CA PRO A 2 -22.15 -1.01 -17.37
C PRO A 2 -22.71 -1.94 -18.45
N LEU A 3 -22.00 -3.03 -18.71
CA LEU A 3 -22.44 -3.99 -19.71
C LEU A 3 -22.58 -3.32 -21.07
N GLY A 4 -21.48 -2.79 -21.57
CA GLY A 4 -21.48 -2.12 -22.87
C GLY A 4 -20.07 -1.69 -23.27
N SER A 5 -19.13 -2.62 -23.16
CA SER A 5 -17.74 -2.32 -23.52
C SER A 5 -17.23 -1.13 -22.72
N PRO A 6 -17.03 -1.30 -21.44
CA PRO A 6 -16.52 -0.22 -20.53
C PRO A 6 -15.31 0.49 -21.12
N ASN A 7 -15.20 1.79 -20.86
CA ASN A 7 -14.09 2.58 -21.36
C ASN A 7 -12.84 2.32 -20.54
N SER A 8 -11.98 3.33 -20.45
CA SER A 8 -10.74 3.20 -19.68
C SER A 8 -11.03 3.15 -18.19
N GLY A 9 -10.21 2.40 -17.46
CA GLY A 9 -10.39 2.27 -16.01
C GLY A 9 -9.35 1.34 -15.42
N THR A 10 -8.30 1.92 -14.86
CA THR A 10 -7.23 1.12 -14.25
C THR A 10 -6.30 2.00 -13.43
N LYS A 11 -5.30 1.38 -12.81
CA LYS A 11 -4.34 2.11 -11.98
C LYS A 11 -2.93 1.58 -12.20
N LYS A 12 -1.98 2.50 -12.35
CA LYS A 12 -0.59 2.11 -12.56
C LYS A 12 -0.19 0.99 -11.61
N TYR A 13 -0.33 1.24 -10.31
CA TYR A 13 0.02 0.25 -9.29
C TYR A 13 -1.17 -0.01 -8.39
N ASP A 14 -1.27 -1.25 -7.90
CA ASP A 14 -2.37 -1.63 -7.01
C ASP A 14 -1.89 -2.62 -5.96
N LEU A 15 -1.89 -2.17 -4.70
CA LEU A 15 -1.45 -3.02 -3.60
C LEU A 15 -2.54 -3.11 -2.54
N SER A 16 -3.70 -3.65 -2.92
CA SER A 16 -4.81 -3.78 -1.98
C SER A 16 -4.31 -4.18 -0.60
N LYS A 17 -3.49 -5.22 -0.56
CA LYS A 17 -2.92 -5.70 0.69
C LYS A 17 -1.74 -6.62 0.41
N TRP A 18 -0.60 -6.33 1.05
CA TRP A 18 0.60 -7.14 0.86
C TRP A 18 1.06 -7.71 2.20
N LYS A 19 1.93 -8.71 2.14
CA LYS A 19 2.44 -9.33 3.37
C LYS A 19 3.76 -8.66 3.79
N TYR A 20 4.11 -8.81 5.06
CA TYR A 20 5.34 -8.22 5.57
C TYR A 20 6.56 -8.86 4.91
N ALA A 21 6.43 -10.13 4.54
CA ALA A 21 7.53 -10.85 3.92
C ALA A 21 7.82 -10.30 2.52
N GLU A 22 6.83 -10.37 1.64
CA GLU A 22 7.00 -9.88 0.27
C GLU A 22 7.34 -8.39 0.28
N LEU A 23 6.82 -7.66 1.26
CA LEU A 23 7.09 -6.23 1.34
C LEU A 23 8.58 -5.96 1.45
N ARG A 24 9.24 -6.58 2.43
CA ARG A 24 10.68 -6.41 2.62
C ARG A 24 11.45 -7.08 1.50
N ASP A 25 11.00 -8.25 1.08
CA ASP A 25 11.67 -8.98 0.01
C ASP A 25 11.64 -8.20 -1.29
N THR A 26 10.44 -7.79 -1.71
CA THR A 26 10.28 -7.03 -2.94
C THR A 26 11.10 -5.74 -2.91
N ILE A 27 11.21 -5.12 -1.75
CA ILE A 27 11.97 -3.87 -1.62
C ILE A 27 13.47 -4.14 -1.63
N ASN A 28 13.86 -5.38 -1.34
CA ASN A 28 15.28 -5.74 -1.31
C ASN A 28 15.65 -6.57 -2.53
N THR A 29 14.68 -6.82 -3.40
CA THR A 29 14.91 -7.60 -4.61
C THR A 29 14.58 -6.78 -5.85
N SER A 30 13.39 -6.16 -5.84
CA SER A 30 12.96 -5.34 -6.95
C SER A 30 13.35 -3.89 -6.73
N CYS A 31 13.25 -3.08 -7.78
CA CYS A 31 13.59 -1.66 -7.68
C CYS A 31 12.90 -0.86 -8.77
N ASP A 32 12.15 0.15 -8.37
CA ASP A 32 11.44 1.00 -9.32
C ASP A 32 10.78 2.17 -8.61
N ILE A 33 11.00 3.37 -9.13
CA ILE A 33 10.43 4.58 -8.53
C ILE A 33 9.00 4.31 -8.04
N GLU A 34 8.30 3.41 -8.72
CA GLU A 34 6.93 3.08 -8.36
C GLU A 34 6.90 2.04 -7.23
N LEU A 35 7.63 0.95 -7.42
CA LEU A 35 7.68 -0.11 -6.41
C LEU A 35 8.07 0.48 -5.05
N LEU A 36 9.17 1.20 -5.02
CA LEU A 36 9.65 1.81 -3.78
C LEU A 36 8.67 2.86 -3.27
N ALA A 37 8.30 3.80 -4.13
CA ALA A 37 7.37 4.85 -3.73
C ALA A 37 6.10 4.23 -3.15
N ALA A 38 5.65 3.14 -3.75
CA ALA A 38 4.45 2.46 -3.28
C ALA A 38 4.74 1.70 -1.99
N CYS A 39 5.90 1.05 -1.93
CA CYS A 39 6.29 0.28 -0.76
C CYS A 39 6.31 1.19 0.47
N ARG A 40 6.87 2.38 0.32
CA ARG A 40 6.94 3.33 1.42
C ARG A 40 5.54 3.78 1.83
N GLU A 41 4.73 4.15 0.85
CA GLU A 41 3.36 4.59 1.13
C GLU A 41 2.60 3.53 1.92
N GLU A 42 2.91 2.27 1.65
CA GLU A 42 2.25 1.17 2.34
C GLU A 42 2.63 1.16 3.81
N PHE A 43 3.92 1.18 4.09
CA PHE A 43 4.41 1.17 5.47
C PHE A 43 3.74 2.28 6.28
N HIS A 44 3.81 3.50 5.77
CA HIS A 44 3.22 4.64 6.46
C HIS A 44 1.71 4.45 6.63
N ARG A 45 1.08 3.84 5.63
CA ARG A 45 -0.36 3.60 5.67
C ARG A 45 -0.70 2.49 6.67
N ARG A 46 -0.08 1.34 6.49
CA ARG A 46 -0.32 0.20 7.38
C ARG A 46 -0.14 0.61 8.84
N LEU A 47 0.86 1.46 9.09
CA LEU A 47 1.12 1.92 10.45
C LEU A 47 0.06 2.94 10.88
N LYS A 48 -0.43 3.71 9.92
CA LYS A 48 -1.45 4.71 10.22
C LYS A 48 -2.76 4.05 10.61
N VAL A 49 -3.24 3.15 9.76
CA VAL A 49 -4.49 2.45 10.03
C VAL A 49 -4.36 1.57 11.27
N TYR A 50 -3.22 0.89 11.40
CA TYR A 50 -2.97 0.03 12.54
C TYR A 50 -3.23 0.79 13.85
N HIS A 51 -2.71 2.01 13.92
CA HIS A 51 -2.88 2.83 15.12
C HIS A 51 -4.32 3.31 15.23
N ALA A 52 -4.95 3.56 14.09
CA ALA A 52 -6.34 4.03 14.08
C ALA A 52 -7.20 3.14 14.96
N TRP A 53 -7.29 1.86 14.60
CA TRP A 53 -8.10 0.92 15.38
C TRP A 53 -7.79 1.06 16.86
N LYS A 54 -6.50 1.12 17.20
CA LYS A 54 -6.09 1.25 18.59
C LYS A 54 -6.09 2.71 19.01
N SER A 55 -4.92 3.32 19.04
CA SER A 55 -4.80 4.71 19.43
C SER A 55 -5.56 4.98 20.72
N LYS A 56 -6.84 5.33 20.59
CA LYS A 56 -7.68 5.60 21.75
C LYS A 56 -9.15 5.49 21.39
N ASN A 57 -9.55 4.32 20.90
CA ASN A 57 -10.94 4.09 20.52
C ASN A 57 -11.37 5.09 19.46
N LYS A 58 -12.32 4.68 18.61
CA LYS A 58 -12.82 5.54 17.54
C LYS A 58 -14.30 5.84 17.75
N LYS A 59 -14.80 5.53 18.94
CA LYS A 59 -16.20 5.78 19.26
C LYS A 59 -17.10 5.33 18.10
N ARG A 60 -16.57 4.45 17.25
CA ARG A 60 -17.33 3.95 16.11
C ARG A 60 -17.38 2.42 16.13
N GLY A 1 -27.25 7.98 -24.18
CA GLY A 1 -27.15 6.49 -24.08
C GLY A 1 -25.77 6.11 -23.55
N PRO A 2 -25.51 6.39 -22.31
CA PRO A 2 -24.21 6.07 -21.66
C PRO A 2 -23.75 4.65 -21.95
N LEU A 3 -22.49 4.49 -22.34
CA LEU A 3 -21.95 3.17 -22.66
C LEU A 3 -20.44 3.26 -22.86
N GLY A 4 -19.76 3.91 -21.92
CA GLY A 4 -18.31 4.06 -22.01
C GLY A 4 -17.62 3.30 -20.87
N SER A 5 -18.40 2.49 -20.15
CA SER A 5 -17.85 1.72 -19.04
C SER A 5 -17.00 2.60 -18.13
N PRO A 6 -17.63 3.44 -17.35
CA PRO A 6 -16.93 4.35 -16.41
C PRO A 6 -15.86 3.63 -15.59
N ASN A 7 -16.08 2.35 -15.33
CA ASN A 7 -15.13 1.57 -14.56
C ASN A 7 -13.94 1.16 -15.43
N SER A 8 -12.90 1.99 -15.44
CA SER A 8 -11.71 1.71 -16.22
C SER A 8 -11.17 0.33 -15.90
N GLY A 9 -10.20 -0.12 -16.69
CA GLY A 9 -9.60 -1.43 -16.48
C GLY A 9 -8.77 -1.45 -15.19
N THR A 10 -7.63 -0.77 -15.21
CA THR A 10 -6.77 -0.71 -14.04
C THR A 10 -5.83 0.48 -14.12
N LYS A 11 -5.23 0.83 -12.99
CA LYS A 11 -4.31 1.96 -12.94
C LYS A 11 -2.88 1.50 -13.15
N LYS A 12 -1.92 2.24 -12.59
CA LYS A 12 -0.51 1.89 -12.73
C LYS A 12 -0.13 0.82 -11.71
N TYR A 13 -0.34 1.12 -10.44
CA TYR A 13 -0.01 0.19 -9.37
C TYR A 13 -1.23 -0.08 -8.49
N ASP A 14 -1.32 -1.31 -7.99
CA ASP A 14 -2.43 -1.70 -7.13
C ASP A 14 -1.96 -2.66 -6.04
N LEU A 15 -1.95 -2.17 -4.80
CA LEU A 15 -1.51 -2.98 -3.67
C LEU A 15 -2.63 -3.10 -2.63
N SER A 16 -3.77 -3.63 -3.05
CA SER A 16 -4.90 -3.78 -2.15
C SER A 16 -4.42 -4.24 -0.77
N LYS A 17 -3.61 -5.28 -0.75
CA LYS A 17 -3.06 -5.80 0.50
C LYS A 17 -1.88 -6.71 0.21
N TRP A 18 -0.76 -6.46 0.88
CA TRP A 18 0.45 -7.25 0.69
C TRP A 18 0.88 -7.86 2.02
N LYS A 19 1.72 -8.90 1.94
CA LYS A 19 2.21 -9.56 3.16
C LYS A 19 3.50 -8.89 3.63
N TYR A 20 3.86 -9.12 4.89
CA TYR A 20 5.07 -8.54 5.44
C TYR A 20 6.31 -9.14 4.80
N ALA A 21 6.20 -10.39 4.37
CA ALA A 21 7.33 -11.07 3.74
C ALA A 21 7.65 -10.46 2.37
N GLU A 22 6.66 -10.51 1.47
CA GLU A 22 6.85 -9.96 0.13
C GLU A 22 7.20 -8.47 0.19
N LEU A 23 6.66 -7.78 1.19
CA LEU A 23 6.91 -6.35 1.35
C LEU A 23 8.42 -6.10 1.50
N ARG A 24 9.03 -6.76 2.47
CA ARG A 24 10.46 -6.59 2.71
C ARG A 24 11.29 -7.20 1.59
N ASP A 25 10.82 -8.34 1.08
CA ASP A 25 11.53 -9.02 0.00
C ASP A 25 11.51 -8.19 -1.28
N THR A 26 10.33 -7.76 -1.69
CA THR A 26 10.19 -6.96 -2.91
C THR A 26 10.99 -5.66 -2.82
N ILE A 27 11.09 -5.10 -1.62
CA ILE A 27 11.83 -3.85 -1.44
C ILE A 27 13.34 -4.11 -1.43
N ASN A 28 13.73 -5.34 -1.11
CA ASN A 28 15.15 -5.69 -1.06
C ASN A 28 15.55 -6.49 -2.30
N THR A 29 14.57 -6.77 -3.16
CA THR A 29 14.84 -7.53 -4.38
C THR A 29 14.50 -6.70 -5.62
N SER A 30 13.32 -6.09 -5.60
CA SER A 30 12.88 -5.27 -6.72
C SER A 30 13.28 -3.81 -6.50
N CYS A 31 13.18 -3.00 -7.55
CA CYS A 31 13.54 -1.60 -7.46
C CYS A 31 12.86 -0.79 -8.55
N ASP A 32 12.12 0.24 -8.15
CA ASP A 32 11.42 1.09 -9.10
C ASP A 32 10.76 2.26 -8.38
N ILE A 33 10.99 3.47 -8.88
CA ILE A 33 10.42 4.66 -8.28
C ILE A 33 9.00 4.40 -7.79
N GLU A 34 8.29 3.53 -8.50
CA GLU A 34 6.91 3.20 -8.14
C GLU A 34 6.87 2.15 -7.03
N LEU A 35 7.60 1.05 -7.24
CA LEU A 35 7.63 -0.02 -6.25
C LEU A 35 8.00 0.53 -4.87
N LEU A 36 9.12 1.25 -4.81
CA LEU A 36 9.58 1.83 -3.56
C LEU A 36 8.60 2.87 -3.03
N ALA A 37 8.25 3.84 -3.87
CA ALA A 37 7.32 4.89 -3.47
C ALA A 37 6.04 4.28 -2.90
N ALA A 38 5.58 3.20 -3.53
CA ALA A 38 4.36 2.54 -3.08
C ALA A 38 4.64 1.74 -1.81
N CYS A 39 5.79 1.08 -1.76
CA CYS A 39 6.15 0.29 -0.58
C CYS A 39 6.11 1.14 0.67
N ARG A 40 6.80 2.27 0.64
CA ARG A 40 6.84 3.16 1.79
C ARG A 40 5.43 3.63 2.16
N GLU A 41 4.67 4.08 1.15
CA GLU A 41 3.31 4.54 1.38
C GLU A 41 2.49 3.48 2.09
N GLU A 42 2.76 2.21 1.78
CA GLU A 42 2.04 1.11 2.40
C GLU A 42 2.52 0.89 3.83
N PHE A 43 3.81 1.10 4.06
CA PHE A 43 4.38 0.93 5.39
C PHE A 43 3.80 1.97 6.35
N HIS A 44 3.88 3.24 5.97
CA HIS A 44 3.36 4.30 6.81
C HIS A 44 1.84 4.23 6.92
N ARG A 45 1.20 3.79 5.83
CA ARG A 45 -0.25 3.66 5.82
C ARG A 45 -0.71 2.49 6.67
N ARG A 46 -0.16 1.31 6.37
CA ARG A 46 -0.51 0.11 7.12
C ARG A 46 -0.26 0.31 8.62
N LEU A 47 0.78 1.07 8.93
CA LEU A 47 1.12 1.33 10.33
C LEU A 47 0.11 2.30 10.96
N LYS A 48 -0.42 3.21 10.15
CA LYS A 48 -1.39 4.18 10.65
C LYS A 48 -2.67 3.47 11.10
N VAL A 49 -3.23 2.66 10.21
CA VAL A 49 -4.46 1.93 10.52
C VAL A 49 -4.21 0.95 11.66
N TYR A 50 -3.04 0.33 11.67
CA TYR A 50 -2.70 -0.63 12.71
C TYR A 50 -2.75 0.02 14.08
N HIS A 51 -2.39 1.30 14.14
CA HIS A 51 -2.41 2.03 15.40
C HIS A 51 -3.83 2.44 15.77
N ALA A 52 -4.57 2.97 14.79
CA ALA A 52 -5.93 3.40 15.02
C ALA A 52 -6.89 2.20 15.00
N TRP A 53 -6.34 1.03 14.69
CA TRP A 53 -7.14 -0.18 14.64
C TRP A 53 -8.02 -0.30 15.88
N LYS A 54 -7.69 0.48 16.90
CA LYS A 54 -8.46 0.46 18.15
C LYS A 54 -9.06 1.83 18.43
N SER A 55 -8.27 2.88 18.20
CA SER A 55 -8.74 4.24 18.42
C SER A 55 -10.00 4.52 17.61
N LYS A 56 -10.12 3.84 16.48
CA LYS A 56 -11.29 4.01 15.60
C LYS A 56 -12.51 3.36 16.23
N ASN A 57 -13.62 4.11 16.25
CA ASN A 57 -14.87 3.59 16.82
C ASN A 57 -16.06 4.39 16.31
N LYS A 58 -17.21 3.74 16.22
CA LYS A 58 -18.42 4.41 15.76
C LYS A 58 -19.26 4.88 16.95
N LYS A 59 -18.65 5.65 17.84
CA LYS A 59 -19.34 6.17 19.00
C LYS A 59 -19.90 5.02 19.84
N ARG A 60 -19.42 4.89 21.07
CA ARG A 60 -19.87 3.83 21.96
C ARG A 60 -21.25 4.16 22.53
N GLY A 1 -18.07 6.54 -21.87
CA GLY A 1 -18.11 5.09 -22.21
C GLY A 1 -17.07 4.78 -23.26
N PRO A 2 -17.26 5.29 -24.46
CA PRO A 2 -16.31 5.07 -25.59
C PRO A 2 -15.02 5.87 -25.43
N LEU A 3 -15.00 6.74 -24.43
CA LEU A 3 -13.82 7.56 -24.17
C LEU A 3 -13.97 8.32 -22.86
N GLY A 4 -13.26 7.87 -21.84
CA GLY A 4 -13.33 8.51 -20.53
C GLY A 4 -12.81 7.58 -19.44
N SER A 5 -11.74 6.86 -19.73
CA SER A 5 -11.16 5.94 -18.76
C SER A 5 -12.25 5.07 -18.13
N PRO A 6 -12.79 4.15 -18.89
CA PRO A 6 -13.86 3.23 -18.41
C PRO A 6 -13.53 2.62 -17.05
N ASN A 7 -12.23 2.45 -16.78
CA ASN A 7 -11.80 1.88 -15.52
C ASN A 7 -11.92 2.90 -14.39
N SER A 8 -12.54 4.03 -14.69
CA SER A 8 -12.73 5.08 -13.69
C SER A 8 -11.42 5.38 -12.98
N GLY A 9 -10.63 6.29 -13.57
CA GLY A 9 -9.35 6.66 -12.98
C GLY A 9 -8.31 5.56 -13.20
N THR A 10 -7.16 5.94 -13.76
CA THR A 10 -6.10 4.98 -14.01
C THR A 10 -5.46 4.54 -12.70
N LYS A 11 -4.95 3.31 -12.68
CA LYS A 11 -4.30 2.77 -11.48
C LYS A 11 -2.95 2.16 -11.83
N LYS A 12 -1.93 3.00 -11.86
CA LYS A 12 -0.58 2.53 -12.18
C LYS A 12 -0.21 1.33 -11.32
N TYR A 13 -0.37 1.49 -10.01
CA TYR A 13 -0.05 0.42 -9.07
C TYR A 13 -1.25 0.11 -8.18
N ASP A 14 -1.36 -1.15 -7.77
CA ASP A 14 -2.47 -1.57 -6.91
C ASP A 14 -1.98 -2.55 -5.86
N LEU A 15 -1.94 -2.11 -4.61
CA LEU A 15 -1.49 -2.96 -3.51
C LEU A 15 -2.57 -3.06 -2.44
N SER A 16 -3.74 -3.57 -2.83
CA SER A 16 -4.85 -3.72 -1.89
C SER A 16 -4.33 -4.16 -0.53
N LYS A 17 -3.53 -5.21 -0.51
CA LYS A 17 -2.95 -5.73 0.72
C LYS A 17 -1.80 -6.67 0.40
N TRP A 18 -0.65 -6.42 1.03
CA TRP A 18 0.54 -7.23 0.81
C TRP A 18 1.00 -7.85 2.14
N LYS A 19 1.88 -8.83 2.06
CA LYS A 19 2.40 -9.49 3.26
C LYS A 19 3.70 -8.84 3.70
N TYR A 20 3.99 -8.93 5.00
CA TYR A 20 5.21 -8.34 5.54
C TYR A 20 6.44 -8.97 4.89
N ALA A 21 6.31 -10.23 4.49
CA ALA A 21 7.42 -10.95 3.87
C ALA A 21 7.75 -10.36 2.50
N GLU A 22 6.80 -10.43 1.58
CA GLU A 22 7.01 -9.90 0.24
C GLU A 22 7.34 -8.41 0.27
N LEU A 23 6.78 -7.72 1.26
CA LEU A 23 7.02 -6.28 1.39
C LEU A 23 8.52 -5.99 1.53
N ARG A 24 9.14 -6.63 2.51
CA ARG A 24 10.57 -6.44 2.74
C ARG A 24 11.40 -7.05 1.61
N ASP A 25 10.94 -8.20 1.11
CA ASP A 25 11.65 -8.87 0.03
C ASP A 25 11.62 -8.05 -1.25
N THR A 26 10.42 -7.66 -1.66
CA THR A 26 10.26 -6.87 -2.88
C THR A 26 11.04 -5.57 -2.81
N ILE A 27 11.15 -4.98 -1.62
CA ILE A 27 11.86 -3.73 -1.46
C ILE A 27 13.38 -3.95 -1.45
N ASN A 28 13.79 -5.18 -1.11
CA ASN A 28 15.21 -5.50 -1.06
C ASN A 28 15.63 -6.34 -2.28
N THR A 29 14.66 -6.63 -3.15
CA THR A 29 14.94 -7.42 -4.35
C THR A 29 14.60 -6.61 -5.60
N SER A 30 13.41 -6.01 -5.61
CA SER A 30 12.99 -5.20 -6.74
C SER A 30 13.35 -3.74 -6.52
N CYS A 31 13.24 -2.93 -7.57
CA CYS A 31 13.57 -1.52 -7.47
C CYS A 31 12.88 -0.72 -8.59
N ASP A 32 12.12 0.29 -8.19
CA ASP A 32 11.41 1.12 -9.16
C ASP A 32 10.73 2.28 -8.46
N ILE A 33 10.94 3.49 -8.98
CA ILE A 33 10.34 4.68 -8.39
C ILE A 33 8.93 4.40 -7.92
N GLU A 34 8.24 3.50 -8.62
CA GLU A 34 6.86 3.16 -8.26
C GLU A 34 6.83 2.12 -7.15
N LEU A 35 7.59 1.04 -7.32
CA LEU A 35 7.62 -0.02 -6.32
C LEU A 35 7.98 0.56 -4.95
N LEU A 36 9.08 1.31 -4.90
CA LEU A 36 9.52 1.91 -3.65
C LEU A 36 8.51 2.94 -3.15
N ALA A 37 8.15 3.88 -4.01
CA ALA A 37 7.20 4.91 -3.62
C ALA A 37 5.93 4.29 -3.07
N ALA A 38 5.50 3.18 -3.68
CA ALA A 38 4.29 2.49 -3.23
C ALA A 38 4.57 1.73 -1.93
N CYS A 39 5.77 1.17 -1.83
CA CYS A 39 6.14 0.41 -0.64
C CYS A 39 6.06 1.28 0.61
N ARG A 40 6.72 2.43 0.54
CA ARG A 40 6.73 3.36 1.68
C ARG A 40 5.31 3.84 1.98
N GLU A 41 4.57 4.18 0.94
CA GLU A 41 3.20 4.66 1.11
C GLU A 41 2.38 3.65 1.91
N GLU A 42 2.65 2.36 1.69
CA GLU A 42 1.94 1.31 2.41
C GLU A 42 2.39 1.24 3.86
N PHE A 43 3.70 1.15 4.06
CA PHE A 43 4.26 1.06 5.40
C PHE A 43 3.67 2.16 6.29
N HIS A 44 3.63 3.38 5.76
CA HIS A 44 3.09 4.51 6.52
C HIS A 44 1.57 4.39 6.66
N ARG A 45 0.94 3.76 5.68
CA ARG A 45 -0.51 3.59 5.71
C ARG A 45 -0.92 2.51 6.72
N ARG A 46 -0.34 1.33 6.58
CA ARG A 46 -0.66 0.22 7.48
C ARG A 46 -0.26 0.58 8.91
N LEU A 47 0.82 1.33 9.06
CA LEU A 47 1.29 1.72 10.39
C LEU A 47 0.39 2.80 10.97
N LYS A 48 -0.09 3.70 10.11
CA LYS A 48 -0.96 4.78 10.56
C LYS A 48 -2.21 4.22 11.24
N VAL A 49 -2.90 3.32 10.55
CA VAL A 49 -4.11 2.72 11.09
C VAL A 49 -3.77 1.84 12.30
N TYR A 50 -2.66 1.12 12.20
CA TYR A 50 -2.24 0.24 13.29
C TYR A 50 -1.82 1.06 14.50
N HIS A 51 -1.20 2.20 14.25
CA HIS A 51 -0.76 3.07 15.33
C HIS A 51 -1.92 3.94 15.83
N ALA A 52 -2.97 4.03 15.03
CA ALA A 52 -4.14 4.82 15.40
C ALA A 52 -4.93 4.14 16.51
N TRP A 53 -5.42 2.94 16.22
CA TRP A 53 -6.19 2.19 17.20
C TRP A 53 -5.40 2.02 18.50
N LYS A 54 -4.14 1.63 18.36
CA LYS A 54 -3.29 1.44 19.53
C LYS A 54 -3.09 2.76 20.28
N SER A 55 -2.19 3.59 19.78
CA SER A 55 -1.91 4.88 20.41
C SER A 55 -2.50 6.02 19.58
N LYS A 56 -2.36 7.24 20.08
CA LYS A 56 -2.89 8.40 19.38
C LYS A 56 -1.90 8.88 18.33
N ASN A 57 -1.94 10.17 18.00
CA ASN A 57 -1.04 10.73 17.00
C ASN A 57 -1.27 12.24 16.86
N LYS A 58 -1.84 12.85 17.91
CA LYS A 58 -2.11 14.28 17.88
C LYS A 58 -2.50 14.77 19.27
N LYS A 59 -1.54 14.76 20.19
CA LYS A 59 -1.81 15.21 21.56
C LYS A 59 -1.94 16.73 21.60
N ARG A 60 -3.10 17.20 22.08
CA ARG A 60 -3.35 18.63 22.16
C ARG A 60 -2.35 19.29 23.12
N GLY A 1 -4.57 -7.51 -33.00
CA GLY A 1 -5.39 -6.30 -33.31
C GLY A 1 -5.58 -5.47 -32.05
N PRO A 2 -6.21 -4.33 -32.17
CA PRO A 2 -6.48 -3.42 -31.02
C PRO A 2 -7.58 -3.95 -30.11
N LEU A 3 -7.28 -5.01 -29.36
CA LEU A 3 -8.26 -5.59 -28.45
C LEU A 3 -8.30 -4.83 -27.14
N GLY A 4 -9.47 -4.82 -26.50
CA GLY A 4 -9.63 -4.10 -25.24
C GLY A 4 -10.67 -4.79 -24.37
N SER A 5 -10.36 -4.95 -23.08
CA SER A 5 -11.28 -5.59 -22.15
C SER A 5 -10.83 -5.37 -20.71
N PRO A 6 -10.75 -4.12 -20.29
CA PRO A 6 -10.33 -3.76 -18.91
C PRO A 6 -11.41 -4.05 -17.88
N ASN A 7 -11.41 -5.28 -17.37
CA ASN A 7 -12.40 -5.68 -16.37
C ASN A 7 -12.14 -4.96 -15.04
N SER A 8 -10.97 -5.20 -14.47
CA SER A 8 -10.62 -4.57 -13.20
C SER A 8 -10.24 -3.11 -13.42
N GLY A 9 -10.92 -2.21 -12.71
CA GLY A 9 -10.64 -0.79 -12.83
C GLY A 9 -9.35 -0.42 -12.12
N THR A 10 -8.29 -1.18 -12.40
CA THR A 10 -6.99 -0.92 -11.77
C THR A 10 -6.24 0.18 -12.52
N LYS A 11 -5.21 0.72 -11.87
CA LYS A 11 -4.42 1.79 -12.47
C LYS A 11 -2.98 1.32 -12.67
N LYS A 12 -2.03 2.24 -12.48
CA LYS A 12 -0.62 1.92 -12.64
C LYS A 12 -0.21 0.83 -11.65
N TYR A 13 -0.43 1.09 -10.35
CA TYR A 13 -0.09 0.13 -9.31
C TYR A 13 -1.30 -0.14 -8.41
N ASP A 14 -1.34 -1.34 -7.85
CA ASP A 14 -2.44 -1.72 -6.98
C ASP A 14 -1.96 -2.68 -5.90
N LEU A 15 -1.91 -2.21 -4.66
CA LEU A 15 -1.47 -3.03 -3.54
C LEU A 15 -2.54 -3.10 -2.46
N SER A 16 -3.71 -3.62 -2.83
CA SER A 16 -4.81 -3.73 -1.88
C SER A 16 -4.30 -4.16 -0.50
N LYS A 17 -3.50 -5.22 -0.49
CA LYS A 17 -2.92 -5.73 0.74
C LYS A 17 -1.77 -6.68 0.44
N TRP A 18 -0.62 -6.43 1.05
CA TRP A 18 0.56 -7.25 0.83
C TRP A 18 1.02 -7.87 2.16
N LYS A 19 1.92 -8.84 2.08
CA LYS A 19 2.44 -9.50 3.27
C LYS A 19 3.76 -8.85 3.71
N TYR A 20 4.09 -8.99 4.99
CA TYR A 20 5.32 -8.41 5.51
C TYR A 20 6.54 -9.04 4.85
N ALA A 21 6.39 -10.31 4.45
CA ALA A 21 7.50 -11.02 3.81
C ALA A 21 7.81 -10.43 2.43
N GLU A 22 6.84 -10.50 1.53
CA GLU A 22 7.03 -9.98 0.18
C GLU A 22 7.37 -8.49 0.22
N LEU A 23 6.83 -7.79 1.21
CA LEU A 23 7.09 -6.36 1.34
C LEU A 23 8.60 -6.09 1.45
N ARG A 24 9.24 -6.74 2.43
CA ARG A 24 10.66 -6.56 2.63
C ARG A 24 11.47 -7.18 1.49
N ASP A 25 11.00 -8.31 0.99
CA ASP A 25 11.68 -8.99 -0.11
C ASP A 25 11.63 -8.16 -1.38
N THR A 26 10.43 -7.76 -1.77
CA THR A 26 10.26 -6.97 -2.99
C THR A 26 11.05 -5.66 -2.93
N ILE A 27 11.17 -5.09 -1.74
CA ILE A 27 11.90 -3.84 -1.58
C ILE A 27 13.42 -4.07 -1.59
N ASN A 28 13.82 -5.30 -1.28
CA ASN A 28 15.25 -5.64 -1.25
C ASN A 28 15.63 -6.46 -2.48
N THR A 29 14.65 -6.78 -3.32
CA THR A 29 14.89 -7.56 -4.53
C THR A 29 14.55 -6.75 -5.77
N SER A 30 13.37 -6.12 -5.76
CA SER A 30 12.93 -5.32 -6.89
C SER A 30 13.32 -3.86 -6.67
N CYS A 31 13.20 -3.05 -7.72
CA CYS A 31 13.55 -1.63 -7.62
C CYS A 31 12.86 -0.84 -8.73
N ASP A 32 12.10 0.19 -8.33
CA ASP A 32 11.40 1.03 -9.28
C ASP A 32 10.74 2.19 -8.56
N ILE A 33 10.96 3.40 -9.07
CA ILE A 33 10.38 4.60 -8.48
C ILE A 33 8.97 4.32 -7.98
N GLU A 34 8.26 3.44 -8.67
CA GLU A 34 6.88 3.10 -8.30
C GLU A 34 6.87 2.06 -7.19
N LEU A 35 7.60 0.97 -7.38
CA LEU A 35 7.64 -0.10 -6.38
C LEU A 35 8.04 0.48 -5.02
N LEU A 36 9.16 1.20 -5.00
CA LEU A 36 9.65 1.78 -3.76
C LEU A 36 8.67 2.82 -3.21
N ALA A 37 8.29 3.77 -4.07
CA ALA A 37 7.35 4.81 -3.64
C ALA A 37 6.10 4.19 -3.04
N ALA A 38 5.64 3.10 -3.65
CA ALA A 38 4.44 2.42 -3.16
C ALA A 38 4.77 1.62 -1.90
N CYS A 39 5.92 0.94 -1.90
CA CYS A 39 6.32 0.16 -0.75
C CYS A 39 6.37 1.03 0.51
N ARG A 40 6.95 2.22 0.38
CA ARG A 40 7.05 3.14 1.49
C ARG A 40 5.68 3.60 1.95
N GLU A 41 4.85 4.01 1.00
CA GLU A 41 3.51 4.47 1.31
C GLU A 41 2.75 3.42 2.12
N GLU A 42 3.04 2.15 1.84
CA GLU A 42 2.38 1.06 2.54
C GLU A 42 2.85 0.99 3.99
N PHE A 43 4.16 1.09 4.19
CA PHE A 43 4.72 1.04 5.54
C PHE A 43 4.10 2.12 6.42
N HIS A 44 4.15 3.36 5.95
CA HIS A 44 3.58 4.47 6.72
C HIS A 44 2.09 4.27 6.94
N ARG A 45 1.38 3.87 5.89
CA ARG A 45 -0.06 3.65 5.98
C ARG A 45 -0.37 2.54 6.97
N ARG A 46 0.25 1.37 6.76
CA ARG A 46 0.03 0.23 7.64
C ARG A 46 0.48 0.54 9.06
N LEU A 47 1.58 1.28 9.19
CA LEU A 47 2.10 1.63 10.51
C LEU A 47 1.25 2.74 11.13
N LYS A 48 0.78 3.66 10.31
CA LYS A 48 -0.04 4.77 10.79
C LYS A 48 -1.33 4.25 11.42
N VAL A 49 -2.05 3.43 10.66
CA VAL A 49 -3.32 2.88 11.15
C VAL A 49 -3.07 1.95 12.33
N TYR A 50 -1.96 1.22 12.28
CA TYR A 50 -1.63 0.29 13.35
C TYR A 50 -1.67 0.98 14.71
N HIS A 51 -0.87 2.03 14.87
CA HIS A 51 -0.83 2.77 16.12
C HIS A 51 -2.17 3.44 16.39
N ALA A 52 -2.87 3.82 15.33
CA ALA A 52 -4.16 4.47 15.45
C ALA A 52 -5.23 3.48 15.91
N TRP A 53 -5.12 2.24 15.46
CA TRP A 53 -6.07 1.21 15.83
C TRP A 53 -5.98 0.91 17.33
N LYS A 54 -4.81 0.47 17.77
CA LYS A 54 -4.59 0.14 19.18
C LYS A 54 -4.80 1.39 20.04
N SER A 55 -3.81 2.27 20.05
CA SER A 55 -3.89 3.49 20.84
C SER A 55 -4.29 3.18 22.28
N LYS A 56 -4.88 4.16 22.95
CA LYS A 56 -5.30 3.98 24.33
C LYS A 56 -6.32 5.05 24.73
N ASN A 57 -7.49 5.01 24.10
CA ASN A 57 -8.54 5.98 24.39
C ASN A 57 -9.90 5.44 23.96
N LYS A 58 -10.91 5.69 24.78
CA LYS A 58 -12.26 5.23 24.47
C LYS A 58 -12.87 6.05 23.34
N LYS A 59 -12.10 7.02 22.86
CA LYS A 59 -12.57 7.88 21.77
C LYS A 59 -12.19 7.30 20.42
N ARG A 60 -13.16 7.24 19.51
CA ARG A 60 -12.91 6.70 18.18
C ARG A 60 -12.11 7.69 17.33
N GLY A 1 -0.54 -13.55 -16.36
CA GLY A 1 -0.92 -12.71 -17.53
C GLY A 1 -0.76 -11.24 -17.18
N PRO A 2 0.45 -10.83 -16.89
CA PRO A 2 0.75 -9.41 -16.54
C PRO A 2 0.73 -8.50 -17.76
N LEU A 3 0.51 -7.21 -17.52
CA LEU A 3 0.47 -6.24 -18.61
C LEU A 3 -0.52 -6.68 -19.68
N GLY A 4 -1.69 -6.04 -19.70
CA GLY A 4 -2.72 -6.37 -20.68
C GLY A 4 -3.90 -5.42 -20.57
N SER A 5 -4.25 -4.80 -21.69
CA SER A 5 -5.37 -3.86 -21.71
C SER A 5 -5.31 -2.91 -20.51
N PRO A 6 -4.24 -2.16 -20.42
CA PRO A 6 -4.05 -1.18 -19.30
C PRO A 6 -4.92 0.05 -19.46
N ASN A 7 -5.79 0.03 -20.46
CA ASN A 7 -6.68 1.16 -20.70
C ASN A 7 -7.82 1.18 -19.69
N SER A 8 -7.88 0.14 -18.86
CA SER A 8 -8.92 0.05 -17.84
C SER A 8 -8.51 -0.94 -16.74
N GLY A 9 -9.47 -1.29 -15.89
CA GLY A 9 -9.21 -2.22 -14.81
C GLY A 9 -8.46 -1.53 -13.66
N THR A 10 -7.36 -2.13 -13.23
CA THR A 10 -6.57 -1.57 -12.15
C THR A 10 -5.72 -0.41 -12.65
N LYS A 11 -5.29 0.46 -11.74
CA LYS A 11 -4.47 1.60 -12.10
C LYS A 11 -3.02 1.18 -12.29
N LYS A 12 -2.11 2.15 -12.29
CA LYS A 12 -0.69 1.87 -12.46
C LYS A 12 -0.22 0.86 -11.42
N TYR A 13 -0.50 1.14 -10.16
CA TYR A 13 -0.11 0.24 -9.07
C TYR A 13 -1.29 0.00 -8.13
N ASP A 14 -1.40 -1.22 -7.62
CA ASP A 14 -2.47 -1.57 -6.71
C ASP A 14 -1.99 -2.59 -5.68
N LEU A 15 -1.86 -2.13 -4.43
CA LEU A 15 -1.40 -3.00 -3.35
C LEU A 15 -2.47 -3.11 -2.27
N SER A 16 -3.67 -3.57 -2.65
CA SER A 16 -4.76 -3.72 -1.70
C SER A 16 -4.24 -4.23 -0.37
N LYS A 17 -3.46 -5.30 -0.41
CA LYS A 17 -2.89 -5.87 0.80
C LYS A 17 -1.72 -6.78 0.43
N TRP A 18 -0.58 -6.54 1.07
CA TRP A 18 0.63 -7.34 0.81
C TRP A 18 1.11 -8.00 2.10
N LYS A 19 1.95 -9.02 1.96
CA LYS A 19 2.48 -9.72 3.13
C LYS A 19 3.77 -9.06 3.60
N TYR A 20 4.17 -9.34 4.84
CA TYR A 20 5.38 -8.76 5.40
C TYR A 20 6.62 -9.33 4.72
N ALA A 21 6.51 -10.58 4.28
CA ALA A 21 7.63 -11.24 3.61
C ALA A 21 7.91 -10.60 2.26
N GLU A 22 6.90 -10.58 1.39
CA GLU A 22 7.07 -10.00 0.06
C GLU A 22 7.40 -8.52 0.14
N LEU A 23 6.87 -7.85 1.16
CA LEU A 23 7.12 -6.41 1.33
C LEU A 23 8.61 -6.16 1.46
N ARG A 24 9.25 -6.83 2.41
CA ARG A 24 10.68 -6.66 2.63
C ARG A 24 11.49 -7.24 1.47
N ASP A 25 11.03 -8.38 0.96
CA ASP A 25 11.72 -9.03 -0.15
C ASP A 25 11.67 -8.17 -1.41
N THR A 26 10.46 -7.77 -1.80
CA THR A 26 10.29 -6.95 -3.00
C THR A 26 11.09 -5.65 -2.91
N ILE A 27 11.21 -5.10 -1.71
CA ILE A 27 11.95 -3.85 -1.53
C ILE A 27 13.45 -4.10 -1.55
N ASN A 28 13.85 -5.33 -1.25
CA ASN A 28 15.27 -5.67 -1.24
C ASN A 28 15.65 -6.49 -2.47
N THR A 29 14.67 -6.74 -3.34
CA THR A 29 14.92 -7.50 -4.56
C THR A 29 14.55 -6.68 -5.79
N SER A 30 13.38 -6.06 -5.76
CA SER A 30 12.93 -5.24 -6.88
C SER A 30 13.32 -3.79 -6.66
N CYS A 31 13.18 -2.97 -7.70
CA CYS A 31 13.53 -1.56 -7.60
C CYS A 31 12.83 -0.75 -8.68
N ASP A 32 12.09 0.26 -8.27
CA ASP A 32 11.37 1.11 -9.21
C ASP A 32 10.72 2.29 -8.48
N ILE A 33 10.94 3.49 -8.98
CA ILE A 33 10.37 4.68 -8.37
C ILE A 33 8.96 4.41 -7.86
N GLU A 34 8.24 3.54 -8.56
CA GLU A 34 6.87 3.21 -8.18
C GLU A 34 6.86 2.15 -7.07
N LEU A 35 7.59 1.07 -7.27
CA LEU A 35 7.64 0.00 -6.28
C LEU A 35 8.04 0.56 -4.92
N LEU A 36 9.14 1.29 -4.89
CA LEU A 36 9.63 1.87 -3.65
C LEU A 36 8.64 2.89 -3.10
N ALA A 37 8.27 3.85 -3.95
CA ALA A 37 7.33 4.88 -3.53
C ALA A 37 6.07 4.26 -2.94
N ALA A 38 5.62 3.17 -3.56
CA ALA A 38 4.42 2.48 -3.09
C ALA A 38 4.73 1.70 -1.82
N CYS A 39 5.90 1.08 -1.77
CA CYS A 39 6.30 0.30 -0.60
C CYS A 39 6.26 1.16 0.65
N ARG A 40 6.90 2.32 0.60
CA ARG A 40 6.92 3.22 1.73
C ARG A 40 5.51 3.67 2.10
N GLU A 41 4.72 4.02 1.09
CA GLU A 41 3.35 4.46 1.31
C GLU A 41 2.59 3.41 2.10
N GLU A 42 2.75 2.14 1.73
CA GLU A 42 2.07 1.06 2.41
C GLU A 42 2.52 0.98 3.88
N PHE A 43 3.83 1.02 4.09
CA PHE A 43 4.37 0.94 5.44
C PHE A 43 3.74 2.01 6.33
N HIS A 44 3.75 3.26 5.86
CA HIS A 44 3.18 4.36 6.62
C HIS A 44 1.66 4.27 6.66
N ARG A 45 1.05 4.11 5.49
CA ARG A 45 -0.40 4.03 5.40
C ARG A 45 -0.93 2.83 6.17
N ARG A 46 -0.41 1.65 5.84
CA ARG A 46 -0.85 0.42 6.51
C ARG A 46 -0.74 0.57 8.03
N LEU A 47 0.35 1.17 8.50
CA LEU A 47 0.56 1.36 9.92
C LEU A 47 -0.47 2.34 10.48
N LYS A 48 -0.89 3.29 9.65
CA LYS A 48 -1.87 4.29 10.07
C LYS A 48 -3.18 3.60 10.48
N VAL A 49 -3.71 2.77 9.59
CA VAL A 49 -4.96 2.07 9.87
C VAL A 49 -4.75 1.05 10.99
N TYR A 50 -3.57 0.45 11.03
CA TYR A 50 -3.26 -0.54 12.05
C TYR A 50 -3.29 0.10 13.43
N HIS A 51 -2.82 1.34 13.51
CA HIS A 51 -2.80 2.06 14.77
C HIS A 51 -4.21 2.47 15.19
N ALA A 52 -5.06 2.75 14.20
CA ALA A 52 -6.43 3.14 14.46
C ALA A 52 -7.21 2.02 15.15
N TRP A 53 -7.18 0.84 14.53
CA TRP A 53 -7.88 -0.31 15.08
C TRP A 53 -7.21 -0.79 16.36
N LYS A 54 -6.01 -0.30 16.63
CA LYS A 54 -5.28 -0.68 17.82
C LYS A 54 -5.88 -0.03 19.06
N SER A 55 -5.90 1.30 19.08
CA SER A 55 -6.47 2.03 20.20
C SER A 55 -7.00 3.39 19.76
N LYS A 56 -8.32 3.52 19.74
CA LYS A 56 -8.95 4.77 19.32
C LYS A 56 -10.45 4.71 19.56
N ASN A 57 -11.00 5.77 20.15
CA ASN A 57 -12.43 5.83 20.41
C ASN A 57 -12.91 7.28 20.48
N LYS A 58 -13.55 7.74 19.41
CA LYS A 58 -14.06 9.11 19.37
C LYS A 58 -15.37 9.23 20.14
N LYS A 59 -15.74 8.15 20.83
CA LYS A 59 -16.98 8.15 21.60
C LYS A 59 -16.76 8.77 22.97
N ARG A 60 -16.48 10.07 22.99
CA ARG A 60 -16.24 10.77 24.24
C ARG A 60 -17.56 11.12 24.92
N GLY A 1 -14.19 21.31 -14.85
CA GLY A 1 -14.73 19.94 -15.06
C GLY A 1 -13.72 18.91 -14.54
N PRO A 2 -13.57 18.83 -13.25
CA PRO A 2 -12.62 17.88 -12.61
C PRO A 2 -12.76 16.47 -13.16
N LEU A 3 -11.98 15.53 -12.63
CA LEU A 3 -12.03 14.15 -13.08
C LEU A 3 -13.29 13.46 -12.57
N GLY A 4 -14.09 12.94 -13.48
CA GLY A 4 -15.33 12.26 -13.11
C GLY A 4 -15.05 10.82 -12.69
N SER A 5 -13.95 10.62 -11.96
CA SER A 5 -13.59 9.29 -11.50
C SER A 5 -13.65 8.29 -12.64
N PRO A 6 -12.71 8.37 -13.56
CA PRO A 6 -12.64 7.44 -14.73
C PRO A 6 -12.81 5.98 -14.33
N ASN A 7 -11.88 5.49 -13.50
CA ASN A 7 -11.94 4.11 -13.05
C ASN A 7 -11.84 3.15 -14.23
N SER A 8 -11.20 3.61 -15.31
CA SER A 8 -11.04 2.79 -16.50
C SER A 8 -9.87 1.81 -16.33
N GLY A 9 -10.13 0.54 -16.60
CA GLY A 9 -9.10 -0.49 -16.47
C GLY A 9 -8.33 -0.33 -15.17
N THR A 10 -7.25 -1.08 -15.02
CA THR A 10 -6.44 -1.03 -13.82
C THR A 10 -5.57 0.23 -13.82
N LYS A 11 -5.21 0.71 -12.65
CA LYS A 11 -4.37 1.90 -12.52
C LYS A 11 -2.90 1.55 -12.72
N LYS A 12 -2.02 2.40 -12.23
CA LYS A 12 -0.58 2.17 -12.34
C LYS A 12 -0.14 1.07 -11.39
N TYR A 13 -0.50 1.22 -10.11
CA TYR A 13 -0.13 0.23 -9.10
C TYR A 13 -1.33 -0.09 -8.21
N ASP A 14 -1.35 -1.30 -7.68
CA ASP A 14 -2.44 -1.73 -6.81
C ASP A 14 -1.94 -2.72 -5.78
N LEU A 15 -1.89 -2.28 -4.51
CA LEU A 15 -1.41 -3.14 -3.43
C LEU A 15 -2.48 -3.26 -2.35
N SER A 16 -3.64 -3.78 -2.72
CA SER A 16 -4.74 -3.95 -1.77
C SER A 16 -4.20 -4.42 -0.42
N LYS A 17 -3.38 -5.47 -0.46
CA LYS A 17 -2.78 -6.02 0.74
C LYS A 17 -1.62 -6.93 0.39
N TRP A 18 -0.47 -6.68 1.00
CA TRP A 18 0.72 -7.48 0.76
C TRP A 18 1.20 -8.15 2.04
N LYS A 19 2.10 -9.12 1.90
CA LYS A 19 2.63 -9.82 3.07
C LYS A 19 3.94 -9.19 3.53
N TYR A 20 4.19 -9.23 4.83
CA TYR A 20 5.41 -8.66 5.38
C TYR A 20 6.64 -9.26 4.71
N ALA A 21 6.51 -10.50 4.27
CA ALA A 21 7.61 -11.20 3.61
C ALA A 21 7.94 -10.56 2.26
N GLU A 22 6.99 -10.59 1.34
CA GLU A 22 7.19 -10.02 0.01
C GLU A 22 7.48 -8.52 0.10
N LEU A 23 6.90 -7.86 1.10
CA LEU A 23 7.12 -6.43 1.28
C LEU A 23 8.61 -6.13 1.43
N ARG A 24 9.25 -6.79 2.39
CA ARG A 24 10.68 -6.58 2.62
C ARG A 24 11.51 -7.14 1.47
N ASP A 25 11.09 -8.29 0.95
CA ASP A 25 11.81 -8.91 -0.16
C ASP A 25 11.76 -8.05 -1.41
N THR A 26 10.56 -7.67 -1.82
CA THR A 26 10.38 -6.84 -3.01
C THR A 26 11.15 -5.54 -2.90
N ILE A 27 11.23 -4.98 -1.70
CA ILE A 27 11.94 -3.72 -1.51
C ILE A 27 13.46 -3.93 -1.50
N ASN A 28 13.88 -5.16 -1.21
CA ASN A 28 15.30 -5.48 -1.17
C ASN A 28 15.72 -6.29 -2.40
N THR A 29 14.76 -6.55 -3.28
CA THR A 29 15.04 -7.31 -4.50
C THR A 29 14.68 -6.49 -5.73
N SER A 30 13.49 -5.90 -5.72
CA SER A 30 13.04 -5.08 -6.84
C SER A 30 13.39 -3.61 -6.59
N CYS A 31 13.26 -2.79 -7.64
CA CYS A 31 13.57 -1.37 -7.52
C CYS A 31 12.87 -0.58 -8.61
N ASP A 32 12.09 0.42 -8.20
CA ASP A 32 11.38 1.26 -9.16
C ASP A 32 10.68 2.40 -8.43
N ILE A 33 10.87 3.62 -8.94
CA ILE A 33 10.26 4.80 -8.33
C ILE A 33 8.85 4.49 -7.86
N GLU A 34 8.17 3.59 -8.57
CA GLU A 34 6.81 3.23 -8.20
C GLU A 34 6.79 2.18 -7.10
N LEU A 35 7.56 1.11 -7.30
CA LEU A 35 7.61 0.04 -6.30
C LEU A 35 7.97 0.60 -4.93
N LEU A 36 9.07 1.36 -4.87
CA LEU A 36 9.52 1.95 -3.61
C LEU A 36 8.50 2.97 -3.10
N ALA A 37 8.11 3.91 -3.94
CA ALA A 37 7.16 4.93 -3.55
C ALA A 37 5.89 4.28 -2.98
N ALA A 38 5.48 3.19 -3.60
CA ALA A 38 4.29 2.47 -3.14
C ALA A 38 4.59 1.69 -1.86
N CYS A 39 5.79 1.15 -1.77
CA CYS A 39 6.19 0.39 -0.59
C CYS A 39 6.12 1.26 0.66
N ARG A 40 6.76 2.43 0.60
CA ARG A 40 6.77 3.33 1.74
C ARG A 40 5.35 3.77 2.08
N GLU A 41 4.57 4.08 1.05
CA GLU A 41 3.18 4.52 1.26
C GLU A 41 2.42 3.47 2.06
N GLU A 42 2.71 2.20 1.80
CA GLU A 42 2.04 1.11 2.51
C GLU A 42 2.57 1.01 3.94
N PHE A 43 3.88 1.02 4.09
CA PHE A 43 4.50 0.93 5.41
C PHE A 43 4.02 2.07 6.31
N HIS A 44 4.12 3.30 5.80
CA HIS A 44 3.70 4.46 6.56
C HIS A 44 2.23 4.36 6.94
N ARG A 45 1.38 4.07 5.96
CA ARG A 45 -0.05 3.96 6.20
C ARG A 45 -0.34 2.79 7.15
N ARG A 46 0.13 1.61 6.78
CA ARG A 46 -0.10 0.42 7.60
C ARG A 46 0.49 0.62 9.00
N LEU A 47 1.71 1.14 9.07
CA LEU A 47 2.37 1.37 10.34
C LEU A 47 1.60 2.40 11.16
N LYS A 48 0.89 3.29 10.48
CA LYS A 48 0.12 4.33 11.15
C LYS A 48 -1.11 3.73 11.84
N VAL A 49 -1.91 3.01 11.07
CA VAL A 49 -3.12 2.39 11.61
C VAL A 49 -2.77 1.19 12.47
N TYR A 50 -1.73 0.46 12.08
CA TYR A 50 -1.31 -0.71 12.84
C TYR A 50 -1.00 -0.35 14.28
N HIS A 51 -0.18 0.69 14.46
CA HIS A 51 0.19 1.13 15.79
C HIS A 51 -0.99 1.82 16.47
N ALA A 52 -1.74 2.59 15.70
CA ALA A 52 -2.90 3.31 16.23
C ALA A 52 -4.14 2.41 16.23
N TRP A 53 -3.93 1.14 15.88
CA TRP A 53 -5.03 0.19 15.85
C TRP A 53 -5.73 0.10 17.21
N LYS A 54 -5.22 0.85 18.18
CA LYS A 54 -5.79 0.85 19.51
C LYS A 54 -5.65 2.23 20.15
N SER A 55 -6.76 2.97 20.18
CA SER A 55 -6.75 4.31 20.78
C SER A 55 -8.05 4.57 21.53
N LYS A 56 -8.82 3.50 21.75
CA LYS A 56 -10.09 3.62 22.46
C LYS A 56 -9.84 3.78 23.96
N ASN A 57 -8.63 3.45 24.39
CA ASN A 57 -8.27 3.56 25.81
C ASN A 57 -6.80 3.92 25.95
N LYS A 58 -6.25 4.58 24.93
CA LYS A 58 -4.85 4.98 24.96
C LYS A 58 -4.64 6.21 24.09
N LYS A 59 -5.47 7.22 24.30
CA LYS A 59 -5.37 8.46 23.52
C LYS A 59 -3.95 9.03 23.62
N ARG A 60 -3.21 8.94 22.52
CA ARG A 60 -1.85 9.45 22.49
C ARG A 60 -1.77 10.83 23.15
N GLY A 1 -16.18 -0.96 -31.65
CA GLY A 1 -17.22 -1.42 -30.68
C GLY A 1 -17.33 -0.42 -29.54
N PRO A 2 -18.29 -0.61 -28.67
CA PRO A 2 -18.52 0.29 -27.51
C PRO A 2 -17.48 0.08 -26.41
N LEU A 3 -16.25 -0.23 -26.82
CA LEU A 3 -15.17 -0.46 -25.87
C LEU A 3 -14.83 0.83 -25.13
N GLY A 4 -15.74 1.27 -24.27
CA GLY A 4 -15.53 2.50 -23.51
C GLY A 4 -14.73 2.23 -22.24
N SER A 5 -13.61 1.52 -22.39
CA SER A 5 -12.77 1.19 -21.24
C SER A 5 -13.61 0.67 -20.10
N PRO A 6 -14.12 -0.53 -20.22
CA PRO A 6 -14.96 -1.16 -19.17
C PRO A 6 -14.33 -1.05 -17.78
N ASN A 7 -15.06 -0.44 -16.85
CA ASN A 7 -14.57 -0.26 -15.49
C ASN A 7 -13.16 0.31 -15.49
N SER A 8 -12.17 -0.58 -15.55
CA SER A 8 -10.77 -0.15 -15.56
C SER A 8 -10.48 0.75 -14.37
N GLY A 9 -10.88 0.30 -13.18
CA GLY A 9 -10.66 1.07 -11.96
C GLY A 9 -9.18 1.05 -11.58
N THR A 10 -8.54 -0.09 -11.79
CA THR A 10 -7.12 -0.22 -11.46
C THR A 10 -6.33 0.99 -11.94
N LYS A 11 -5.12 1.15 -11.42
CA LYS A 11 -4.27 2.27 -11.81
C LYS A 11 -2.84 1.80 -12.01
N LYS A 12 -1.92 2.76 -12.13
CA LYS A 12 -0.51 2.44 -12.32
C LYS A 12 -0.08 1.30 -11.40
N TYR A 13 -0.43 1.42 -10.11
CA TYR A 13 -0.09 0.41 -9.13
C TYR A 13 -1.29 0.07 -8.26
N ASP A 14 -1.33 -1.16 -7.77
CA ASP A 14 -2.43 -1.60 -6.92
C ASP A 14 -1.93 -2.58 -5.86
N LEU A 15 -1.90 -2.14 -4.60
CA LEU A 15 -1.45 -2.98 -3.51
C LEU A 15 -2.54 -3.11 -2.44
N SER A 16 -3.71 -3.60 -2.85
CA SER A 16 -4.82 -3.76 -1.93
C SER A 16 -4.32 -4.25 -0.57
N LYS A 17 -3.54 -5.32 -0.58
CA LYS A 17 -2.98 -5.86 0.64
C LYS A 17 -1.78 -6.75 0.32
N TRP A 18 -0.67 -6.49 0.99
CA TRP A 18 0.55 -7.26 0.76
C TRP A 18 1.03 -7.90 2.07
N LYS A 19 1.80 -8.97 1.97
CA LYS A 19 2.30 -9.66 3.15
C LYS A 19 3.63 -9.03 3.59
N TYR A 20 3.85 -8.97 4.90
CA TYR A 20 5.08 -8.40 5.43
C TYR A 20 6.30 -9.04 4.78
N ALA A 21 6.15 -10.30 4.38
CA ALA A 21 7.25 -11.02 3.76
C ALA A 21 7.60 -10.43 2.39
N GLU A 22 6.65 -10.48 1.46
CA GLU A 22 6.87 -9.95 0.13
C GLU A 22 7.24 -8.47 0.17
N LEU A 23 6.74 -7.77 1.19
CA LEU A 23 7.03 -6.35 1.34
C LEU A 23 8.52 -6.12 1.47
N ARG A 24 9.14 -6.78 2.44
CA ARG A 24 10.58 -6.64 2.67
C ARG A 24 11.37 -7.26 1.54
N ASP A 25 10.88 -8.38 1.02
CA ASP A 25 11.57 -9.07 -0.06
C ASP A 25 11.54 -8.24 -1.35
N THR A 26 10.35 -7.81 -1.74
CA THR A 26 10.20 -7.02 -2.96
C THR A 26 11.01 -5.72 -2.89
N ILE A 27 11.14 -5.15 -1.69
CA ILE A 27 11.87 -3.90 -1.54
C ILE A 27 13.38 -4.16 -1.55
N ASN A 28 13.77 -5.38 -1.20
CA ASN A 28 15.19 -5.74 -1.17
C ASN A 28 15.57 -6.55 -2.41
N THR A 29 14.60 -6.83 -3.27
CA THR A 29 14.85 -7.59 -4.49
C THR A 29 14.48 -6.76 -5.72
N SER A 30 13.31 -6.15 -5.69
CA SER A 30 12.86 -5.33 -6.80
C SER A 30 13.28 -3.87 -6.59
N CYS A 31 13.17 -3.06 -7.64
CA CYS A 31 13.54 -1.66 -7.55
C CYS A 31 12.84 -0.84 -8.63
N ASP A 32 12.12 0.19 -8.22
CA ASP A 32 11.42 1.05 -9.16
C ASP A 32 10.78 2.22 -8.43
N ILE A 33 10.99 3.42 -8.95
CA ILE A 33 10.44 4.63 -8.34
C ILE A 33 9.01 4.37 -7.84
N GLU A 34 8.31 3.49 -8.55
CA GLU A 34 6.94 3.17 -8.18
C GLU A 34 6.90 2.12 -7.06
N LEU A 35 7.63 1.03 -7.25
CA LEU A 35 7.66 -0.04 -6.25
C LEU A 35 8.05 0.52 -4.89
N LEU A 36 9.17 1.24 -4.87
CA LEU A 36 9.65 1.82 -3.61
C LEU A 36 8.68 2.87 -3.09
N ALA A 37 8.31 3.83 -3.93
CA ALA A 37 7.39 4.88 -3.52
C ALA A 37 6.12 4.26 -2.94
N ALA A 38 5.65 3.19 -3.57
CA ALA A 38 4.44 2.51 -3.10
C ALA A 38 4.74 1.71 -1.84
N CYS A 39 5.92 1.11 -1.78
CA CYS A 39 6.30 0.32 -0.62
C CYS A 39 6.30 1.17 0.64
N ARG A 40 7.01 2.31 0.58
CA ARG A 40 7.08 3.21 1.71
C ARG A 40 5.69 3.68 2.12
N GLU A 41 4.88 4.05 1.14
CA GLU A 41 3.53 4.53 1.41
C GLU A 41 2.76 3.49 2.23
N GLU A 42 2.92 2.21 1.88
CA GLU A 42 2.23 1.14 2.58
C GLU A 42 2.66 1.10 4.05
N PHE A 43 3.96 1.13 4.29
CA PHE A 43 4.48 1.10 5.65
C PHE A 43 3.94 2.27 6.46
N HIS A 44 4.01 3.47 5.88
CA HIS A 44 3.53 4.67 6.56
C HIS A 44 2.02 4.61 6.74
N ARG A 45 1.30 4.29 5.66
CA ARG A 45 -0.15 4.21 5.71
C ARG A 45 -0.59 3.09 6.66
N ARG A 46 -0.10 1.88 6.42
CA ARG A 46 -0.44 0.74 7.25
C ARG A 46 -0.28 1.09 8.73
N LEU A 47 0.72 1.92 9.02
CA LEU A 47 0.98 2.33 10.40
C LEU A 47 -0.10 3.28 10.90
N LYS A 48 -0.53 4.19 10.02
CA LYS A 48 -1.57 5.15 10.39
C LYS A 48 -2.85 4.44 10.81
N VAL A 49 -3.33 3.55 9.95
CA VAL A 49 -4.55 2.80 10.24
C VAL A 49 -4.36 1.93 11.47
N TYR A 50 -3.18 1.32 11.58
CA TYR A 50 -2.88 0.46 12.72
C TYR A 50 -2.99 1.24 14.02
N HIS A 51 -2.44 2.45 14.03
CA HIS A 51 -2.48 3.30 15.22
C HIS A 51 -3.87 3.91 15.39
N ALA A 52 -4.61 4.01 14.29
CA ALA A 52 -5.95 4.58 14.34
C ALA A 52 -6.96 3.55 14.85
N TRP A 53 -6.76 2.30 14.45
CA TRP A 53 -7.66 1.23 14.88
C TRP A 53 -7.90 1.31 16.39
N LYS A 54 -6.85 1.65 17.13
CA LYS A 54 -6.96 1.76 18.58
C LYS A 54 -7.73 3.02 18.96
N SER A 55 -9.04 3.00 18.71
CA SER A 55 -9.89 4.14 19.02
C SER A 55 -11.30 3.67 19.36
N LYS A 56 -12.21 3.82 18.40
CA LYS A 56 -13.60 3.41 18.61
C LYS A 56 -14.18 4.11 19.83
N ASN A 57 -14.95 3.37 20.62
CA ASN A 57 -15.57 3.93 21.82
C ASN A 57 -16.10 2.81 22.72
N LYS A 58 -16.80 1.86 22.12
CA LYS A 58 -17.35 0.74 22.89
C LYS A 58 -18.25 1.26 24.01
N LYS A 59 -19.30 1.98 23.65
CA LYS A 59 -20.22 2.54 24.63
C LYS A 59 -21.66 2.46 24.12
N ARG A 60 -22.25 1.28 24.21
CA ARG A 60 -23.63 1.08 23.75
C ARG A 60 -24.61 1.69 24.74
N GLY A 1 1.25 11.84 -11.55
CA GLY A 1 2.44 12.72 -11.78
C GLY A 1 2.36 13.32 -13.17
N PRO A 2 2.48 12.51 -14.18
CA PRO A 2 2.43 12.97 -15.61
C PRO A 2 1.00 13.32 -16.04
N LEU A 3 0.78 14.61 -16.32
CA LEU A 3 -0.54 15.07 -16.74
C LEU A 3 -0.95 14.36 -18.02
N GLY A 4 -2.06 13.62 -17.96
CA GLY A 4 -2.55 12.90 -19.13
C GLY A 4 -3.67 11.93 -18.74
N SER A 5 -4.62 11.73 -19.64
CA SER A 5 -5.74 10.84 -19.38
C SER A 5 -6.52 11.30 -18.16
N PRO A 6 -7.19 12.42 -18.27
CA PRO A 6 -8.00 13.00 -17.16
C PRO A 6 -8.88 11.95 -16.49
N ASN A 7 -9.34 12.26 -15.28
CA ASN A 7 -10.19 11.33 -14.54
C ASN A 7 -9.51 9.97 -14.40
N SER A 8 -8.72 9.82 -13.35
CA SER A 8 -8.02 8.57 -13.10
C SER A 8 -7.17 8.18 -14.31
N GLY A 9 -6.72 6.93 -14.35
CA GLY A 9 -5.91 6.45 -15.46
C GLY A 9 -5.98 4.94 -15.57
N THR A 10 -4.98 4.35 -16.23
CA THR A 10 -4.93 2.90 -16.40
C THR A 10 -4.43 2.22 -15.13
N LYS A 11 -4.42 0.90 -15.14
CA LYS A 11 -3.97 0.13 -13.98
C LYS A 11 -2.45 0.17 -13.88
N LYS A 12 -1.93 1.10 -13.09
CA LYS A 12 -0.49 1.23 -12.90
C LYS A 12 -0.01 0.36 -11.75
N TYR A 13 -0.45 0.70 -10.54
CA TYR A 13 -0.06 -0.05 -9.34
C TYR A 13 -1.26 -0.25 -8.43
N ASP A 14 -1.30 -1.41 -7.76
CA ASP A 14 -2.39 -1.72 -6.86
C ASP A 14 -1.91 -2.68 -5.77
N LEU A 15 -1.80 -2.18 -4.54
CA LEU A 15 -1.35 -3.00 -3.42
C LEU A 15 -2.42 -3.05 -2.34
N SER A 16 -3.61 -3.52 -2.72
CA SER A 16 -4.71 -3.63 -1.76
C SER A 16 -4.21 -4.13 -0.41
N LYS A 17 -3.45 -5.21 -0.44
CA LYS A 17 -2.90 -5.78 0.77
C LYS A 17 -1.74 -6.72 0.42
N TRP A 18 -0.60 -6.50 1.06
CA TRP A 18 0.59 -7.33 0.81
C TRP A 18 1.05 -7.98 2.11
N LYS A 19 1.94 -8.96 2.01
CA LYS A 19 2.45 -9.65 3.18
C LYS A 19 3.76 -9.02 3.64
N TYR A 20 4.08 -9.18 4.92
CA TYR A 20 5.32 -8.62 5.46
C TYR A 20 6.53 -9.23 4.79
N ALA A 21 6.40 -10.49 4.36
CA ALA A 21 7.50 -11.18 3.71
C ALA A 21 7.82 -10.55 2.35
N GLU A 22 6.85 -10.59 1.44
CA GLU A 22 7.04 -10.02 0.11
C GLU A 22 7.39 -8.54 0.19
N LEU A 23 6.81 -7.86 1.18
CA LEU A 23 7.07 -6.43 1.35
C LEU A 23 8.57 -6.17 1.48
N ARG A 24 9.21 -6.84 2.42
CA ARG A 24 10.64 -6.66 2.65
C ARG A 24 11.45 -7.24 1.49
N ASP A 25 11.00 -8.39 0.98
CA ASP A 25 11.70 -9.03 -0.13
C ASP A 25 11.65 -8.16 -1.39
N THR A 26 10.44 -7.76 -1.78
CA THR A 26 10.27 -6.93 -2.97
C THR A 26 11.06 -5.64 -2.88
N ILE A 27 11.18 -5.09 -1.68
CA ILE A 27 11.90 -3.83 -1.49
C ILE A 27 13.42 -4.07 -1.49
N ASN A 28 13.82 -5.32 -1.23
CA ASN A 28 15.24 -5.66 -1.20
C ASN A 28 15.63 -6.47 -2.43
N THR A 29 14.65 -6.73 -3.30
CA THR A 29 14.91 -7.49 -4.53
C THR A 29 14.56 -6.67 -5.76
N SER A 30 13.38 -6.06 -5.74
CA SER A 30 12.94 -5.23 -6.86
C SER A 30 13.33 -3.77 -6.63
N CYS A 31 13.22 -2.96 -7.68
CA CYS A 31 13.57 -1.55 -7.58
C CYS A 31 12.88 -0.74 -8.68
N ASP A 32 12.14 0.28 -8.27
CA ASP A 32 11.44 1.13 -9.23
C ASP A 32 10.77 2.30 -8.51
N ILE A 33 10.98 3.50 -9.02
CA ILE A 33 10.40 4.70 -8.42
C ILE A 33 8.98 4.43 -7.92
N GLU A 34 8.27 3.54 -8.62
CA GLU A 34 6.91 3.21 -8.25
C GLU A 34 6.88 2.16 -7.13
N LEU A 35 7.62 1.07 -7.34
CA LEU A 35 7.66 0.00 -6.34
C LEU A 35 8.05 0.57 -4.98
N LEU A 36 9.17 1.30 -4.94
CA LEU A 36 9.64 1.88 -3.69
C LEU A 36 8.65 2.91 -3.16
N ALA A 37 8.29 3.88 -4.01
CA ALA A 37 7.35 4.91 -3.59
C ALA A 37 6.08 4.28 -3.02
N ALA A 38 5.63 3.20 -3.65
CA ALA A 38 4.43 2.52 -3.19
C ALA A 38 4.71 1.72 -1.91
N CYS A 39 5.88 1.09 -1.87
CA CYS A 39 6.26 0.30 -0.70
C CYS A 39 6.23 1.16 0.56
N ARG A 40 6.89 2.31 0.51
CA ARG A 40 6.93 3.22 1.65
C ARG A 40 5.52 3.67 2.01
N GLU A 41 4.73 4.03 1.00
CA GLU A 41 3.37 4.48 1.23
C GLU A 41 2.60 3.45 2.03
N GLU A 42 2.80 2.18 1.70
CA GLU A 42 2.11 1.09 2.40
C GLU A 42 2.55 1.04 3.86
N PHE A 43 3.87 1.06 4.07
CA PHE A 43 4.41 1.03 5.42
C PHE A 43 3.83 2.16 6.27
N HIS A 44 3.87 3.37 5.73
CA HIS A 44 3.35 4.52 6.46
C HIS A 44 1.83 4.49 6.55
N ARG A 45 1.18 4.27 5.41
CA ARG A 45 -0.29 4.21 5.37
C ARG A 45 -0.80 3.04 6.20
N ARG A 46 -0.32 1.85 5.89
CA ARG A 46 -0.75 0.65 6.61
C ARG A 46 -0.47 0.80 8.11
N LEU A 47 0.64 1.43 8.45
CA LEU A 47 1.01 1.63 9.85
C LEU A 47 0.10 2.68 10.49
N LYS A 48 -0.37 3.62 9.67
CA LYS A 48 -1.25 4.68 10.16
C LYS A 48 -2.54 4.09 10.71
N VAL A 49 -3.16 3.21 9.93
CA VAL A 49 -4.41 2.58 10.35
C VAL A 49 -4.16 1.60 11.48
N TYR A 50 -2.98 1.00 11.50
CA TYR A 50 -2.63 0.03 12.53
C TYR A 50 -2.45 0.73 13.87
N HIS A 51 -1.86 1.91 13.84
CA HIS A 51 -1.64 2.68 15.06
C HIS A 51 -2.95 3.24 15.60
N ALA A 52 -3.85 3.61 14.69
CA ALA A 52 -5.13 4.17 15.09
C ALA A 52 -6.05 3.07 15.62
N TRP A 53 -6.32 2.06 14.79
CA TRP A 53 -7.17 0.96 15.21
C TRP A 53 -6.46 0.08 16.24
N LYS A 54 -5.27 0.51 16.64
CA LYS A 54 -4.50 -0.23 17.63
C LYS A 54 -5.38 -0.64 18.81
N SER A 55 -5.64 0.30 19.70
CA SER A 55 -6.48 0.02 20.87
C SER A 55 -7.74 -0.74 20.46
N LYS A 56 -7.77 -2.03 20.78
CA LYS A 56 -8.93 -2.85 20.43
C LYS A 56 -10.15 -2.41 21.24
N ASN A 57 -11.26 -3.11 21.04
CA ASN A 57 -12.49 -2.80 21.74
C ASN A 57 -13.42 -4.00 21.78
N LYS A 58 -13.06 -5.04 21.05
CA LYS A 58 -13.87 -6.26 21.00
C LYS A 58 -13.75 -7.03 22.32
N LYS A 59 -12.98 -6.48 23.25
CA LYS A 59 -12.80 -7.12 24.56
C LYS A 59 -13.89 -6.66 25.53
N ARG A 60 -15.12 -7.08 25.26
CA ARG A 60 -16.25 -6.72 26.12
C ARG A 60 -16.96 -7.97 26.62
N GLY A 1 -27.01 1.52 -27.78
CA GLY A 1 -27.22 1.97 -26.38
C GLY A 1 -25.88 2.40 -25.79
N PRO A 2 -25.27 3.41 -26.36
CA PRO A 2 -23.97 3.94 -25.87
C PRO A 2 -24.11 4.75 -24.60
N LEU A 3 -25.33 4.82 -24.08
CA LEU A 3 -25.59 5.57 -22.85
C LEU A 3 -24.89 4.92 -21.67
N GLY A 4 -24.41 5.74 -20.75
CA GLY A 4 -23.72 5.23 -19.57
C GLY A 4 -22.27 4.95 -19.87
N SER A 5 -22.02 3.89 -20.64
CA SER A 5 -20.65 3.53 -21.01
C SER A 5 -19.75 3.57 -19.79
N PRO A 6 -19.95 2.67 -18.86
CA PRO A 6 -19.13 2.59 -17.62
C PRO A 6 -17.63 2.69 -17.90
N ASN A 7 -17.09 1.67 -18.56
CA ASN A 7 -15.67 1.66 -18.89
C ASN A 7 -14.82 1.75 -17.63
N SER A 8 -13.97 0.75 -17.41
CA SER A 8 -13.10 0.73 -16.24
C SER A 8 -12.07 1.85 -16.31
N GLY A 9 -10.93 1.64 -15.66
CA GLY A 9 -9.86 2.62 -15.67
C GLY A 9 -8.50 1.95 -15.48
N THR A 10 -7.47 2.56 -16.06
CA THR A 10 -6.12 2.00 -15.95
C THR A 10 -5.62 2.09 -14.51
N LYS A 11 -4.57 1.33 -14.22
CA LYS A 11 -4.00 1.32 -12.87
C LYS A 11 -2.50 1.01 -12.92
N LYS A 12 -1.69 2.01 -12.62
CA LYS A 12 -0.24 1.83 -12.64
C LYS A 12 0.18 0.83 -11.58
N TYR A 13 -0.25 1.08 -10.34
CA TYR A 13 0.10 0.19 -9.23
C TYR A 13 -1.11 -0.01 -8.32
N ASP A 14 -1.23 -1.22 -7.77
CA ASP A 14 -2.34 -1.55 -6.88
C ASP A 14 -1.89 -2.54 -5.81
N LEU A 15 -1.83 -2.07 -4.57
CA LEU A 15 -1.40 -2.92 -3.47
C LEU A 15 -2.50 -2.99 -2.40
N SER A 16 -3.67 -3.47 -2.79
CA SER A 16 -4.80 -3.58 -1.86
C SER A 16 -4.29 -4.06 -0.49
N LYS A 17 -3.51 -5.12 -0.50
CA LYS A 17 -2.97 -5.66 0.74
C LYS A 17 -1.83 -6.63 0.43
N TRP A 18 -0.68 -6.40 1.06
CA TRP A 18 0.49 -7.25 0.82
C TRP A 18 0.94 -7.89 2.14
N LYS A 19 1.78 -8.92 2.04
CA LYS A 19 2.28 -9.60 3.24
C LYS A 19 3.63 -9.03 3.67
N TYR A 20 3.90 -9.03 4.96
CA TYR A 20 5.15 -8.52 5.48
C TYR A 20 6.34 -9.21 4.81
N ALA A 21 6.13 -10.46 4.42
CA ALA A 21 7.19 -11.23 3.77
C ALA A 21 7.56 -10.64 2.41
N GLU A 22 6.59 -10.66 1.50
CA GLU A 22 6.81 -10.14 0.14
C GLU A 22 7.19 -8.65 0.20
N LEU A 23 6.66 -7.94 1.18
CA LEU A 23 6.96 -6.52 1.32
C LEU A 23 8.46 -6.29 1.43
N ARG A 24 9.09 -6.95 2.40
CA ARG A 24 10.52 -6.81 2.61
C ARG A 24 11.30 -7.45 1.47
N ASP A 25 10.81 -8.57 0.97
CA ASP A 25 11.49 -9.26 -0.12
C ASP A 25 11.48 -8.42 -1.39
N THR A 26 10.30 -7.95 -1.78
CA THR A 26 10.16 -7.15 -2.99
C THR A 26 10.99 -5.87 -2.91
N ILE A 27 11.12 -5.32 -1.70
CA ILE A 27 11.88 -4.08 -1.52
C ILE A 27 13.38 -4.37 -1.51
N ASN A 28 13.76 -5.62 -1.24
CA ASN A 28 15.17 -5.99 -1.20
C ASN A 28 15.55 -6.81 -2.43
N THR A 29 14.57 -7.07 -3.30
CA THR A 29 14.81 -7.84 -4.52
C THR A 29 14.51 -7.00 -5.75
N SER A 30 13.35 -6.35 -5.75
CA SER A 30 12.96 -5.50 -6.87
C SER A 30 13.38 -4.06 -6.62
N CYS A 31 13.30 -3.23 -7.66
CA CYS A 31 13.68 -1.83 -7.53
C CYS A 31 13.03 -1.00 -8.63
N ASP A 32 12.29 0.03 -8.22
CA ASP A 32 11.63 0.91 -9.17
C ASP A 32 10.98 2.09 -8.43
N ILE A 33 11.24 3.30 -8.93
CA ILE A 33 10.68 4.50 -8.31
C ILE A 33 9.25 4.25 -7.85
N GLU A 34 8.53 3.40 -8.57
CA GLU A 34 7.14 3.09 -8.23
C GLU A 34 7.08 2.03 -7.12
N LEU A 35 7.79 0.93 -7.32
CA LEU A 35 7.80 -0.15 -6.34
C LEU A 35 8.17 0.39 -4.96
N LEU A 36 9.30 1.09 -4.90
CA LEU A 36 9.78 1.66 -3.65
C LEU A 36 8.81 2.71 -3.11
N ALA A 37 8.48 3.69 -3.95
CA ALA A 37 7.56 4.74 -3.54
C ALA A 37 6.27 4.15 -3.00
N ALA A 38 5.81 3.07 -3.63
CA ALA A 38 4.59 2.41 -3.20
C ALA A 38 4.84 1.61 -1.92
N CYS A 39 6.01 0.99 -1.83
CA CYS A 39 6.37 0.21 -0.66
C CYS A 39 6.39 1.09 0.58
N ARG A 40 6.92 2.30 0.43
CA ARG A 40 7.00 3.24 1.54
C ARG A 40 5.62 3.72 1.95
N GLU A 41 4.82 4.09 0.95
CA GLU A 41 3.46 4.57 1.20
C GLU A 41 2.65 3.52 1.96
N GLU A 42 2.97 2.25 1.73
CA GLU A 42 2.27 1.16 2.40
C GLU A 42 2.71 1.05 3.85
N PHE A 43 4.02 0.99 4.06
CA PHE A 43 4.55 0.88 5.42
C PHE A 43 3.94 1.93 6.33
N HIS A 44 4.00 3.19 5.91
CA HIS A 44 3.44 4.28 6.70
C HIS A 44 1.94 4.07 6.92
N ARG A 45 1.22 3.81 5.84
CA ARG A 45 -0.22 3.60 5.95
C ARG A 45 -0.54 2.41 6.85
N ARG A 46 0.23 1.34 6.71
CA ARG A 46 0.02 0.15 7.52
C ARG A 46 0.39 0.42 8.98
N LEU A 47 1.41 1.23 9.19
CA LEU A 47 1.85 1.57 10.54
C LEU A 47 0.84 2.49 11.21
N LYS A 48 0.11 3.26 10.42
CA LYS A 48 -0.89 4.17 10.95
C LYS A 48 -2.07 3.41 11.52
N VAL A 49 -2.64 2.53 10.71
CA VAL A 49 -3.79 1.73 11.15
C VAL A 49 -3.39 0.76 12.25
N TYR A 50 -2.15 0.29 12.18
CA TYR A 50 -1.65 -0.66 13.18
C TYR A 50 -1.48 0.03 14.54
N HIS A 51 -1.19 1.33 14.51
CA HIS A 51 -1.01 2.10 15.73
C HIS A 51 -2.30 2.80 16.13
N ALA A 52 -3.18 3.02 15.16
CA ALA A 52 -4.45 3.67 15.42
C ALA A 52 -5.52 2.66 15.80
N TRP A 53 -5.18 1.38 15.67
CA TRP A 53 -6.11 0.31 16.00
C TRP A 53 -6.55 0.42 17.45
N LYS A 54 -5.90 1.29 18.20
CA LYS A 54 -6.23 1.48 19.61
C LYS A 54 -7.73 1.58 19.80
N SER A 55 -8.32 2.66 19.28
CA SER A 55 -9.76 2.88 19.40
C SER A 55 -10.31 3.54 18.14
N LYS A 56 -10.70 2.72 17.17
CA LYS A 56 -11.25 3.24 15.92
C LYS A 56 -12.73 3.58 16.08
N ASN A 57 -13.18 4.57 15.32
CA ASN A 57 -14.58 4.99 15.38
C ASN A 57 -15.50 3.77 15.37
N LYS A 58 -16.51 3.78 16.23
CA LYS A 58 -17.46 2.67 16.31
C LYS A 58 -18.81 3.16 16.83
N LYS A 59 -19.50 2.29 17.55
CA LYS A 59 -20.81 2.63 18.11
C LYS A 59 -20.82 2.41 19.62
N ARG A 60 -20.75 3.50 20.38
CA ARG A 60 -20.75 3.41 21.83
C ARG A 60 -22.17 3.20 22.36
N GLY A 1 -18.84 11.13 -0.59
CA GLY A 1 -17.59 11.19 -1.39
C GLY A 1 -16.43 10.63 -0.58
N PRO A 2 -16.52 9.37 -0.22
CA PRO A 2 -15.45 8.69 0.57
C PRO A 2 -14.22 8.37 -0.27
N LEU A 3 -14.33 8.58 -1.58
CA LEU A 3 -13.23 8.31 -2.49
C LEU A 3 -12.61 6.95 -2.20
N GLY A 4 -13.36 5.89 -2.49
CA GLY A 4 -12.87 4.54 -2.24
C GLY A 4 -13.49 3.56 -3.24
N SER A 5 -14.08 2.49 -2.72
CA SER A 5 -14.70 1.48 -3.57
C SER A 5 -13.79 1.12 -4.74
N PRO A 6 -12.74 0.41 -4.45
CA PRO A 6 -11.74 -0.02 -5.49
C PRO A 6 -12.42 -0.60 -6.73
N ASN A 7 -12.37 0.14 -7.83
CA ASN A 7 -12.98 -0.32 -9.08
C ASN A 7 -12.21 -1.51 -9.66
N SER A 8 -12.79 -2.15 -10.65
CA SER A 8 -12.15 -3.30 -11.29
C SER A 8 -11.10 -2.84 -12.29
N GLY A 9 -10.33 -3.79 -12.80
CA GLY A 9 -9.29 -3.47 -13.77
C GLY A 9 -8.16 -2.67 -13.12
N THR A 10 -6.97 -3.25 -13.08
CA THR A 10 -5.82 -2.58 -12.49
C THR A 10 -5.24 -1.55 -13.47
N LYS A 11 -4.70 -0.47 -12.92
CA LYS A 11 -4.11 0.58 -13.75
C LYS A 11 -2.60 0.55 -13.65
N LYS A 12 -2.02 1.50 -12.93
CA LYS A 12 -0.58 1.57 -12.76
C LYS A 12 -0.12 0.58 -11.69
N TYR A 13 -0.46 0.85 -10.44
CA TYR A 13 -0.08 -0.03 -9.34
C TYR A 13 -1.28 -0.31 -8.43
N ASP A 14 -1.31 -1.50 -7.86
CA ASP A 14 -2.41 -1.89 -6.98
C ASP A 14 -1.90 -2.84 -5.90
N LEU A 15 -1.85 -2.36 -4.66
CA LEU A 15 -1.38 -3.17 -3.54
C LEU A 15 -2.47 -3.29 -2.48
N SER A 16 -3.63 -3.82 -2.87
CA SER A 16 -4.74 -3.98 -1.93
C SER A 16 -4.22 -4.44 -0.57
N LYS A 17 -3.39 -5.47 -0.58
CA LYS A 17 -2.82 -5.99 0.67
C LYS A 17 -1.64 -6.90 0.34
N TRP A 18 -0.50 -6.63 0.99
CA TRP A 18 0.71 -7.42 0.77
C TRP A 18 1.17 -8.03 2.08
N LYS A 19 2.06 -9.02 1.99
CA LYS A 19 2.58 -9.67 3.19
C LYS A 19 3.88 -9.01 3.63
N TYR A 20 4.25 -9.23 4.89
CA TYR A 20 5.48 -8.64 5.43
C TYR A 20 6.70 -9.22 4.75
N ALA A 21 6.59 -10.48 4.31
CA ALA A 21 7.70 -11.14 3.64
C ALA A 21 7.98 -10.52 2.28
N GLU A 22 7.00 -10.59 1.39
CA GLU A 22 7.16 -10.03 0.05
C GLU A 22 7.48 -8.53 0.12
N LEU A 23 6.95 -7.86 1.13
CA LEU A 23 7.19 -6.43 1.29
C LEU A 23 8.68 -6.15 1.40
N ARG A 24 9.33 -6.81 2.36
CA ARG A 24 10.77 -6.62 2.58
C ARG A 24 11.57 -7.21 1.41
N ASP A 25 11.12 -8.35 0.90
CA ASP A 25 11.82 -8.99 -0.20
C ASP A 25 11.76 -8.13 -1.46
N THR A 26 10.56 -7.74 -1.85
CA THR A 26 10.37 -6.93 -3.04
C THR A 26 11.16 -5.62 -2.96
N ILE A 27 11.28 -5.07 -1.76
CA ILE A 27 12.00 -3.81 -1.57
C ILE A 27 13.50 -4.04 -1.60
N ASN A 28 13.92 -5.28 -1.31
CA ASN A 28 15.35 -5.60 -1.29
C ASN A 28 15.74 -6.42 -2.53
N THR A 29 14.76 -6.68 -3.39
CA THR A 29 15.01 -7.44 -4.61
C THR A 29 14.65 -6.63 -5.85
N SER A 30 13.47 -6.02 -5.82
CA SER A 30 13.01 -5.19 -6.94
C SER A 30 13.38 -3.74 -6.71
N CYS A 31 13.26 -2.92 -7.75
CA CYS A 31 13.59 -1.50 -7.65
C CYS A 31 12.89 -0.70 -8.74
N ASP A 32 12.13 0.30 -8.33
CA ASP A 32 11.42 1.15 -9.28
C ASP A 32 10.74 2.31 -8.55
N ILE A 33 10.95 3.52 -9.06
CA ILE A 33 10.36 4.71 -8.45
C ILE A 33 8.95 4.42 -7.94
N GLU A 34 8.24 3.53 -8.63
CA GLU A 34 6.89 3.19 -8.25
C GLU A 34 6.88 2.14 -7.14
N LEU A 35 7.62 1.05 -7.35
CA LEU A 35 7.68 -0.02 -6.36
C LEU A 35 8.08 0.55 -4.99
N LEU A 36 9.18 1.29 -4.97
CA LEU A 36 9.67 1.88 -3.72
C LEU A 36 8.67 2.90 -3.18
N ALA A 37 8.29 3.86 -4.02
CA ALA A 37 7.34 4.88 -3.60
C ALA A 37 6.09 4.24 -3.02
N ALA A 38 5.65 3.16 -3.63
CA ALA A 38 4.46 2.45 -3.17
C ALA A 38 4.76 1.66 -1.90
N CYS A 39 5.92 1.02 -1.87
CA CYS A 39 6.32 0.24 -0.71
C CYS A 39 6.34 1.11 0.54
N ARG A 40 6.98 2.26 0.44
CA ARG A 40 7.07 3.19 1.57
C ARG A 40 5.69 3.62 2.01
N GLU A 41 4.86 4.01 1.05
CA GLU A 41 3.50 4.45 1.35
C GLU A 41 2.76 3.39 2.16
N GLU A 42 2.94 2.13 1.79
CA GLU A 42 2.29 1.03 2.48
C GLU A 42 2.73 0.98 3.94
N PHE A 43 4.04 0.99 4.15
CA PHE A 43 4.59 0.94 5.51
C PHE A 43 3.99 2.06 6.36
N HIS A 44 4.09 3.29 5.87
CA HIS A 44 3.57 4.44 6.60
C HIS A 44 2.05 4.38 6.69
N ARG A 45 1.39 4.17 5.55
CA ARG A 45 -0.06 4.10 5.52
C ARG A 45 -0.57 3.04 6.49
N ARG A 46 -0.01 1.84 6.39
CA ARG A 46 -0.44 0.75 7.26
C ARG A 46 0.00 1.01 8.70
N LEU A 47 1.16 1.66 8.87
CA LEU A 47 1.66 1.97 10.19
C LEU A 47 0.90 3.15 10.79
N LYS A 48 0.30 3.95 9.93
CA LYS A 48 -0.46 5.11 10.38
C LYS A 48 -1.80 4.68 10.97
N VAL A 49 -2.54 3.87 10.23
CA VAL A 49 -3.84 3.39 10.69
C VAL A 49 -3.68 2.55 11.95
N TYR A 50 -2.64 1.73 11.98
CA TYR A 50 -2.38 0.87 13.13
C TYR A 50 -2.16 1.72 14.38
N HIS A 51 -1.16 2.60 14.32
CA HIS A 51 -0.84 3.47 15.45
C HIS A 51 -2.09 4.22 15.91
N ALA A 52 -2.96 4.55 14.98
CA ALA A 52 -4.20 5.26 15.31
C ALA A 52 -5.22 4.31 15.91
N TRP A 53 -5.66 3.34 15.11
CA TRP A 53 -6.64 2.37 15.58
C TRP A 53 -6.25 1.82 16.95
N LYS A 54 -4.96 1.92 17.28
CA LYS A 54 -4.47 1.43 18.56
C LYS A 54 -5.22 2.10 19.71
N SER A 55 -5.10 3.43 19.80
CA SER A 55 -5.76 4.18 20.85
C SER A 55 -7.21 3.72 21.00
N LYS A 56 -7.70 3.73 22.24
CA LYS A 56 -9.06 3.30 22.52
C LYS A 56 -10.03 3.94 21.53
N ASN A 57 -10.81 3.11 20.84
CA ASN A 57 -11.77 3.62 19.87
C ASN A 57 -12.99 4.18 20.57
N LYS A 58 -13.07 5.51 20.63
CA LYS A 58 -14.20 6.17 21.27
C LYS A 58 -15.33 6.38 20.27
N LYS A 59 -15.27 5.67 19.15
CA LYS A 59 -16.29 5.78 18.11
C LYS A 59 -16.73 4.39 17.64
N ARG A 60 -17.95 4.00 17.99
CA ARG A 60 -18.47 2.70 17.59
C ARG A 60 -18.90 2.72 16.13
N GLY A 1 -27.72 -9.74 -18.92
CA GLY A 1 -26.29 -10.06 -18.63
C GLY A 1 -25.43 -8.83 -18.90
N PRO A 2 -24.16 -8.92 -18.60
CA PRO A 2 -23.20 -7.79 -18.81
C PRO A 2 -22.89 -7.58 -20.30
N LEU A 3 -22.28 -8.59 -20.91
CA LEU A 3 -21.93 -8.50 -22.33
C LEU A 3 -21.34 -7.13 -22.65
N GLY A 4 -20.02 -7.03 -22.62
CA GLY A 4 -19.35 -5.78 -22.92
C GLY A 4 -19.61 -4.76 -21.81
N SER A 5 -18.53 -4.13 -21.33
CA SER A 5 -18.65 -3.14 -20.27
C SER A 5 -17.39 -2.28 -20.20
N PRO A 6 -17.44 -1.19 -19.48
CA PRO A 6 -16.28 -0.27 -19.33
C PRO A 6 -14.97 -1.03 -19.12
N ASN A 7 -13.87 -0.29 -19.11
CA ASN A 7 -12.55 -0.89 -18.90
C ASN A 7 -11.67 0.01 -18.05
N SER A 8 -12.03 0.17 -16.78
CA SER A 8 -11.27 1.01 -15.87
C SER A 8 -11.56 0.63 -14.42
N GLY A 9 -10.62 0.95 -13.53
CA GLY A 9 -10.79 0.64 -12.12
C GLY A 9 -9.45 0.69 -11.39
N THR A 10 -8.48 -0.05 -11.90
CA THR A 10 -7.15 -0.08 -11.29
C THR A 10 -6.35 1.14 -11.69
N LYS A 11 -5.13 1.25 -11.16
CA LYS A 11 -4.27 2.38 -11.48
C LYS A 11 -2.85 1.92 -11.73
N LYS A 12 -1.92 2.87 -11.84
CA LYS A 12 -0.51 2.54 -12.07
C LYS A 12 -0.08 1.36 -11.20
N TYR A 13 -0.41 1.43 -9.91
CA TYR A 13 -0.05 0.36 -8.99
C TYR A 13 -1.22 0.03 -8.08
N ASP A 14 -1.39 -1.26 -7.80
CA ASP A 14 -2.49 -1.71 -6.93
C ASP A 14 -1.96 -2.68 -5.88
N LEU A 15 -1.94 -2.22 -4.63
CA LEU A 15 -1.47 -3.05 -3.53
C LEU A 15 -2.55 -3.17 -2.46
N SER A 16 -3.72 -3.66 -2.85
CA SER A 16 -4.83 -3.83 -1.92
C SER A 16 -4.32 -4.29 -0.56
N LYS A 17 -3.53 -5.36 -0.57
CA LYS A 17 -2.97 -5.89 0.66
C LYS A 17 -1.77 -6.77 0.33
N TRP A 18 -0.65 -6.51 1.00
CA TRP A 18 0.57 -7.28 0.78
C TRP A 18 1.05 -7.90 2.10
N LYS A 19 1.84 -8.97 2.00
CA LYS A 19 2.34 -9.63 3.20
C LYS A 19 3.66 -9.00 3.63
N TYR A 20 3.87 -8.91 4.93
CA TYR A 20 5.10 -8.32 5.46
C TYR A 20 6.32 -8.97 4.82
N ALA A 21 6.18 -10.23 4.44
CA ALA A 21 7.29 -10.96 3.83
C ALA A 21 7.64 -10.38 2.46
N GLU A 22 6.69 -10.45 1.53
CA GLU A 22 6.92 -9.93 0.19
C GLU A 22 7.29 -8.45 0.23
N LEU A 23 6.77 -7.74 1.22
CA LEU A 23 7.06 -6.31 1.34
C LEU A 23 8.57 -6.08 1.49
N ARG A 24 9.17 -6.74 2.46
CA ARG A 24 10.61 -6.59 2.70
C ARG A 24 11.41 -7.21 1.56
N ASP A 25 10.96 -8.35 1.07
CA ASP A 25 11.66 -9.03 -0.02
C ASP A 25 11.61 -8.21 -1.30
N THR A 26 10.41 -7.82 -1.71
CA THR A 26 10.25 -7.03 -2.93
C THR A 26 11.05 -5.74 -2.88
N ILE A 27 11.16 -5.15 -1.70
CA ILE A 27 11.89 -3.89 -1.55
C ILE A 27 13.40 -4.14 -1.54
N ASN A 28 13.80 -5.36 -1.21
CA ASN A 28 15.22 -5.70 -1.16
C ASN A 28 15.61 -6.55 -2.37
N THR A 29 14.64 -6.83 -3.24
CA THR A 29 14.90 -7.63 -4.43
C THR A 29 14.56 -6.83 -5.69
N SER A 30 13.39 -6.22 -5.69
CA SER A 30 12.96 -5.41 -6.83
C SER A 30 13.36 -3.96 -6.64
N CYS A 31 13.23 -3.16 -7.69
CA CYS A 31 13.58 -1.75 -7.62
C CYS A 31 12.88 -0.95 -8.71
N ASP A 32 12.14 0.08 -8.31
CA ASP A 32 11.43 0.91 -9.26
C ASP A 32 10.78 2.09 -8.54
N ILE A 33 11.01 3.29 -9.07
CA ILE A 33 10.45 4.50 -8.47
C ILE A 33 9.03 4.25 -7.98
N GLU A 34 8.32 3.36 -8.67
CA GLU A 34 6.95 3.04 -8.31
C GLU A 34 6.91 2.00 -7.17
N LEU A 35 7.65 0.91 -7.35
CA LEU A 35 7.68 -0.14 -6.33
C LEU A 35 8.07 0.45 -4.98
N LEU A 36 9.18 1.19 -4.95
CA LEU A 36 9.65 1.79 -3.72
C LEU A 36 8.66 2.83 -3.20
N ALA A 37 8.30 3.77 -4.07
CA ALA A 37 7.36 4.82 -3.68
C ALA A 37 6.09 4.20 -3.10
N ALA A 38 5.64 3.11 -3.70
CA ALA A 38 4.43 2.44 -3.23
C ALA A 38 4.72 1.68 -1.94
N CYS A 39 5.89 1.05 -1.87
CA CYS A 39 6.27 0.28 -0.68
C CYS A 39 6.31 1.19 0.54
N ARG A 40 6.93 2.36 0.39
CA ARG A 40 7.04 3.31 1.50
C ARG A 40 5.66 3.80 1.92
N GLU A 41 4.83 4.14 0.94
CA GLU A 41 3.49 4.62 1.23
C GLU A 41 2.73 3.64 2.11
N GLU A 42 2.88 2.35 1.80
CA GLU A 42 2.21 1.30 2.57
C GLU A 42 2.73 1.26 4.00
N PHE A 43 4.05 1.27 4.13
CA PHE A 43 4.68 1.23 5.46
C PHE A 43 4.18 2.40 6.31
N HIS A 44 4.19 3.60 5.75
CA HIS A 44 3.74 4.78 6.47
C HIS A 44 2.24 4.74 6.69
N ARG A 45 1.49 4.49 5.61
CA ARG A 45 0.04 4.43 5.70
C ARG A 45 -0.40 3.37 6.69
N ARG A 46 0.06 2.13 6.49
CA ARG A 46 -0.28 1.03 7.37
C ARG A 46 0.06 1.37 8.82
N LEU A 47 1.26 1.87 9.03
CA LEU A 47 1.70 2.23 10.38
C LEU A 47 0.87 3.38 10.93
N LYS A 48 0.38 4.23 10.02
CA LYS A 48 -0.42 5.38 10.42
C LYS A 48 -1.76 4.92 11.00
N VAL A 49 -2.48 4.10 10.23
CA VAL A 49 -3.77 3.60 10.68
C VAL A 49 -3.61 2.60 11.82
N TYR A 50 -2.54 1.81 11.76
CA TYR A 50 -2.28 0.82 12.80
C TYR A 50 -1.95 1.51 14.13
N HIS A 51 -1.27 2.66 14.04
CA HIS A 51 -0.90 3.40 15.24
C HIS A 51 -2.07 4.23 15.73
N ALA A 52 -2.92 4.66 14.81
CA ALA A 52 -4.09 5.47 15.17
C ALA A 52 -5.19 4.59 15.76
N TRP A 53 -5.38 3.42 15.17
CA TRP A 53 -6.41 2.49 15.66
C TRP A 53 -6.27 2.27 17.16
N LYS A 54 -5.09 1.83 17.58
CA LYS A 54 -4.85 1.58 19.00
C LYS A 54 -3.35 1.48 19.27
N SER A 55 -2.89 0.27 19.60
CA SER A 55 -1.47 0.06 19.88
C SER A 55 -0.96 1.09 20.87
N LYS A 56 -0.86 0.70 22.14
CA LYS A 56 -0.39 1.60 23.17
C LYS A 56 -1.21 2.88 23.20
N ASN A 57 -2.19 2.93 24.11
CA ASN A 57 -3.06 4.09 24.23
C ASN A 57 -2.65 4.93 25.44
N LYS A 58 -3.14 4.54 26.60
CA LYS A 58 -2.83 5.27 27.83
C LYS A 58 -1.43 4.93 28.32
N LYS A 59 -0.42 5.52 27.68
CA LYS A 59 0.96 5.27 28.05
C LYS A 59 1.49 6.38 28.96
N ARG A 60 0.56 7.11 29.58
CA ARG A 60 0.93 8.19 30.48
C ARG A 60 1.01 7.69 31.92
N GLY A 1 -26.45 -1.71 -8.02
CA GLY A 1 -26.43 -1.75 -6.52
C GLY A 1 -25.19 -1.02 -6.01
N PRO A 2 -25.12 -0.81 -4.73
CA PRO A 2 -23.96 -0.10 -4.10
C PRO A 2 -22.71 -0.98 -4.07
N LEU A 3 -22.88 -2.27 -4.38
CA LEU A 3 -21.76 -3.19 -4.38
C LEU A 3 -20.90 -2.99 -5.62
N GLY A 4 -19.91 -3.86 -5.81
CA GLY A 4 -19.03 -3.77 -6.98
C GLY A 4 -18.14 -2.53 -6.87
N SER A 5 -18.76 -1.36 -6.93
CA SER A 5 -18.02 -0.11 -6.86
C SER A 5 -16.91 -0.08 -7.90
N PRO A 6 -17.26 -0.19 -9.16
CA PRO A 6 -16.28 -0.16 -10.28
C PRO A 6 -15.71 1.22 -10.52
N ASN A 7 -15.05 1.40 -11.67
CA ASN A 7 -14.46 2.69 -12.01
C ASN A 7 -13.57 3.18 -10.88
N SER A 8 -12.86 4.29 -11.13
CA SER A 8 -11.96 4.85 -10.12
C SER A 8 -11.03 3.76 -9.57
N GLY A 9 -10.58 3.96 -8.34
CA GLY A 9 -9.68 3.00 -7.71
C GLY A 9 -8.23 3.25 -8.14
N THR A 10 -7.39 2.25 -7.93
CA THR A 10 -5.98 2.36 -8.30
C THR A 10 -5.81 2.24 -9.81
N LYS A 11 -4.60 2.51 -10.28
CA LYS A 11 -4.31 2.43 -11.71
C LYS A 11 -2.86 2.02 -11.94
N LYS A 12 -1.95 2.97 -11.74
CA LYS A 12 -0.52 2.69 -11.93
C LYS A 12 -0.10 1.48 -11.11
N TYR A 13 -0.40 1.52 -9.82
CA TYR A 13 -0.05 0.42 -8.91
C TYR A 13 -1.22 0.06 -8.02
N ASP A 14 -1.42 -1.23 -7.80
CA ASP A 14 -2.52 -1.70 -6.95
C ASP A 14 -2.00 -2.67 -5.91
N LEU A 15 -2.00 -2.24 -4.65
CA LEU A 15 -1.53 -3.08 -3.55
C LEU A 15 -2.61 -3.21 -2.48
N SER A 16 -3.77 -3.75 -2.88
CA SER A 16 -4.87 -3.92 -1.95
C SER A 16 -4.35 -4.37 -0.58
N LYS A 17 -3.53 -5.41 -0.58
CA LYS A 17 -2.95 -5.93 0.64
C LYS A 17 -1.78 -6.84 0.32
N TRP A 18 -0.64 -6.58 0.95
CA TRP A 18 0.56 -7.37 0.73
C TRP A 18 1.02 -8.00 2.05
N LYS A 19 1.85 -9.04 1.94
CA LYS A 19 2.36 -9.72 3.13
C LYS A 19 3.66 -9.06 3.60
N TYR A 20 4.03 -9.31 4.85
CA TYR A 20 5.25 -8.72 5.40
C TYR A 20 6.48 -9.32 4.73
N ALA A 21 6.37 -10.57 4.32
CA ALA A 21 7.48 -11.26 3.66
C ALA A 21 7.79 -10.64 2.31
N GLU A 22 6.79 -10.64 1.42
CA GLU A 22 6.97 -10.09 0.08
C GLU A 22 7.31 -8.61 0.15
N LEU A 23 6.76 -7.92 1.15
CA LEU A 23 7.02 -6.49 1.30
C LEU A 23 8.52 -6.22 1.44
N ARG A 24 9.16 -6.88 2.40
CA ARG A 24 10.59 -6.70 2.61
C ARG A 24 11.39 -7.31 1.47
N ASP A 25 10.93 -8.44 0.95
CA ASP A 25 11.62 -9.10 -0.14
C ASP A 25 11.58 -8.25 -1.41
N THR A 26 10.39 -7.85 -1.81
CA THR A 26 10.23 -7.05 -3.02
C THR A 26 11.02 -5.74 -2.94
N ILE A 27 11.12 -5.18 -1.73
CA ILE A 27 11.84 -3.92 -1.55
C ILE A 27 13.35 -4.15 -1.56
N ASN A 28 13.77 -5.38 -1.24
CA ASN A 28 15.19 -5.71 -1.21
C ASN A 28 15.60 -6.52 -2.44
N THR A 29 14.62 -6.82 -3.29
CA THR A 29 14.88 -7.59 -4.51
C THR A 29 14.54 -6.75 -5.75
N SER A 30 13.35 -6.15 -5.73
CA SER A 30 12.91 -5.32 -6.85
C SER A 30 13.36 -3.87 -6.65
N CYS A 31 13.23 -3.07 -7.70
CA CYS A 31 13.60 -1.66 -7.61
C CYS A 31 12.89 -0.85 -8.69
N ASP A 32 12.16 0.17 -8.28
CA ASP A 32 11.45 1.02 -9.21
C ASP A 32 10.78 2.18 -8.47
N ILE A 33 11.00 3.39 -8.98
CA ILE A 33 10.44 4.59 -8.35
C ILE A 33 9.02 4.32 -7.89
N GLU A 34 8.31 3.44 -8.59
CA GLU A 34 6.94 3.11 -8.24
C GLU A 34 6.89 2.05 -7.14
N LEU A 35 7.62 0.96 -7.33
CA LEU A 35 7.65 -0.11 -6.35
C LEU A 35 8.04 0.45 -4.97
N LEU A 36 9.14 1.17 -4.93
CA LEU A 36 9.62 1.76 -3.68
C LEU A 36 8.63 2.79 -3.14
N ALA A 37 8.27 3.75 -3.99
CA ALA A 37 7.33 4.79 -3.59
C ALA A 37 6.06 4.15 -3.01
N ALA A 38 5.61 3.07 -3.63
CA ALA A 38 4.41 2.38 -3.17
C ALA A 38 4.70 1.59 -1.90
N CYS A 39 5.86 0.94 -1.86
CA CYS A 39 6.24 0.15 -0.69
C CYS A 39 6.31 1.04 0.55
N ARG A 40 6.94 2.19 0.40
CA ARG A 40 7.06 3.13 1.52
C ARG A 40 5.70 3.59 1.99
N GLU A 41 4.85 3.98 1.04
CA GLU A 41 3.51 4.44 1.38
C GLU A 41 2.75 3.36 2.16
N GLU A 42 3.01 2.11 1.82
CA GLU A 42 2.34 1.00 2.50
C GLU A 42 2.84 0.87 3.93
N PHE A 43 4.15 1.03 4.12
CA PHE A 43 4.74 0.92 5.44
C PHE A 43 4.19 2.01 6.36
N HIS A 44 4.13 3.23 5.85
CA HIS A 44 3.63 4.36 6.63
C HIS A 44 2.12 4.24 6.82
N ARG A 45 1.44 3.70 5.81
CA ARG A 45 -0.01 3.55 5.87
C ARG A 45 -0.38 2.41 6.82
N ARG A 46 0.17 1.23 6.58
CA ARG A 46 -0.11 0.07 7.40
C ARG A 46 0.22 0.37 8.87
N LEU A 47 1.30 1.11 9.09
CA LEU A 47 1.71 1.46 10.44
C LEU A 47 0.78 2.51 11.03
N LYS A 48 0.22 3.35 10.17
CA LYS A 48 -0.69 4.40 10.61
C LYS A 48 -1.96 3.80 11.22
N VAL A 49 -2.50 2.79 10.55
CA VAL A 49 -3.71 2.13 11.03
C VAL A 49 -3.39 1.19 12.18
N TYR A 50 -2.17 0.66 12.19
CA TYR A 50 -1.75 -0.25 13.23
C TYR A 50 -1.77 0.43 14.60
N HIS A 51 -1.34 1.69 14.63
CA HIS A 51 -1.31 2.44 15.88
C HIS A 51 -2.70 3.01 16.20
N ALA A 52 -3.32 3.62 15.19
CA ALA A 52 -4.65 4.20 15.38
C ALA A 52 -5.57 3.22 16.11
N TRP A 53 -5.45 1.94 15.76
CA TRP A 53 -6.27 0.91 16.38
C TRP A 53 -5.77 0.61 17.80
N LYS A 54 -4.50 0.91 18.05
CA LYS A 54 -3.92 0.68 19.36
C LYS A 54 -3.02 1.84 19.76
N SER A 55 -3.61 2.84 20.42
CA SER A 55 -2.86 4.02 20.85
C SER A 55 -2.24 3.77 22.23
N LYS A 56 -0.91 3.76 22.28
CA LYS A 56 -0.20 3.54 23.53
C LYS A 56 -0.16 4.82 24.36
N ASN A 57 -1.18 5.67 24.20
CA ASN A 57 -1.23 6.92 24.94
C ASN A 57 -1.70 6.68 26.37
N LYS A 58 -1.29 7.57 27.27
CA LYS A 58 -1.66 7.45 28.68
C LYS A 58 -1.97 8.83 29.26
N LYS A 59 -2.09 9.82 28.40
CA LYS A 59 -2.39 11.18 28.85
C LYS A 59 -1.31 11.68 29.80
N ARG A 60 -0.12 11.90 29.26
CA ARG A 60 0.99 12.38 30.07
C ARG A 60 0.61 13.65 30.81
N GLY A 1 1.61 23.54 -10.43
CA GLY A 1 1.04 23.81 -9.08
C GLY A 1 0.33 22.55 -8.57
N PRO A 2 -0.38 22.68 -7.49
CA PRO A 2 -1.12 21.54 -6.88
C PRO A 2 -1.91 20.74 -7.91
N LEU A 3 -2.43 21.43 -8.91
CA LEU A 3 -3.22 20.79 -9.96
C LEU A 3 -2.36 19.74 -10.68
N GLY A 4 -2.99 18.64 -11.05
CA GLY A 4 -2.29 17.56 -11.74
C GLY A 4 -3.25 16.75 -12.60
N SER A 5 -3.48 15.50 -12.20
CA SER A 5 -4.38 14.62 -12.94
C SER A 5 -4.79 13.43 -12.08
N PRO A 6 -5.54 13.69 -11.04
CA PRO A 6 -6.02 12.62 -10.11
C PRO A 6 -6.61 11.43 -10.87
N ASN A 7 -7.50 11.70 -11.81
CA ASN A 7 -8.13 10.65 -12.59
C ASN A 7 -7.09 9.65 -13.08
N SER A 8 -7.03 8.50 -12.42
CA SER A 8 -6.07 7.46 -12.81
C SER A 8 -6.57 6.69 -14.02
N GLY A 9 -5.81 6.76 -15.11
CA GLY A 9 -6.19 6.08 -16.33
C GLY A 9 -6.09 4.56 -16.15
N THR A 10 -5.00 3.98 -16.65
CA THR A 10 -4.80 2.54 -16.54
C THR A 10 -4.43 2.17 -15.11
N LYS A 11 -4.28 0.87 -14.86
CA LYS A 11 -3.93 0.39 -13.53
C LYS A 11 -2.41 0.37 -13.35
N LYS A 12 -1.85 1.51 -12.99
CA LYS A 12 -0.41 1.60 -12.79
C LYS A 12 0.05 0.63 -11.71
N TYR A 13 -0.33 0.92 -10.46
CA TYR A 13 0.04 0.05 -9.35
C TYR A 13 -1.16 -0.18 -8.42
N ASP A 14 -1.29 -1.41 -7.94
CA ASP A 14 -2.39 -1.76 -7.05
C ASP A 14 -1.91 -2.68 -5.94
N LEU A 15 -1.87 -2.15 -4.72
CA LEU A 15 -1.42 -2.94 -3.57
C LEU A 15 -2.53 -3.01 -2.52
N SER A 16 -3.70 -3.53 -2.92
CA SER A 16 -4.82 -3.65 -2.01
C SER A 16 -4.35 -4.08 -0.63
N LYS A 17 -3.54 -5.13 -0.59
CA LYS A 17 -3.01 -5.64 0.67
C LYS A 17 -1.85 -6.59 0.39
N TRP A 18 -0.71 -6.33 1.03
CA TRP A 18 0.48 -7.15 0.85
C TRP A 18 0.92 -7.75 2.17
N LYS A 19 1.82 -8.73 2.11
CA LYS A 19 2.32 -9.37 3.33
C LYS A 19 3.63 -8.74 3.77
N TYR A 20 3.94 -8.83 5.05
CA TYR A 20 5.17 -8.26 5.59
C TYR A 20 6.39 -8.91 4.95
N ALA A 21 6.24 -10.18 4.58
CA ALA A 21 7.34 -10.92 3.96
C ALA A 21 7.68 -10.34 2.59
N GLU A 22 6.73 -10.43 1.67
CA GLU A 22 6.94 -9.91 0.32
C GLU A 22 7.31 -8.43 0.33
N LEU A 23 6.77 -7.71 1.32
CA LEU A 23 7.05 -6.29 1.43
C LEU A 23 8.55 -6.03 1.55
N ARG A 24 9.17 -6.68 2.53
CA ARG A 24 10.61 -6.51 2.75
C ARG A 24 11.41 -7.15 1.61
N ASP A 25 10.93 -8.30 1.14
CA ASP A 25 11.62 -9.00 0.06
C ASP A 25 11.58 -8.19 -1.24
N THR A 26 10.38 -7.78 -1.64
CA THR A 26 10.22 -7.00 -2.86
C THR A 26 11.03 -5.71 -2.82
N ILE A 27 11.17 -5.12 -1.63
CA ILE A 27 11.91 -3.88 -1.50
C ILE A 27 13.42 -4.15 -1.49
N ASN A 28 13.81 -5.37 -1.16
CA ASN A 28 15.23 -5.73 -1.12
C ASN A 28 15.61 -6.58 -2.33
N THR A 29 14.63 -6.88 -3.18
CA THR A 29 14.87 -7.69 -4.38
C THR A 29 14.56 -6.88 -5.62
N SER A 30 13.39 -6.24 -5.64
CA SER A 30 12.98 -5.44 -6.78
C SER A 30 13.39 -3.98 -6.58
N CYS A 31 13.28 -3.18 -7.63
CA CYS A 31 13.66 -1.78 -7.54
C CYS A 31 12.98 -0.97 -8.64
N ASP A 32 12.24 0.07 -8.24
CA ASP A 32 11.55 0.92 -9.20
C ASP A 32 10.91 2.10 -8.49
N ILE A 33 11.13 3.30 -9.02
CA ILE A 33 10.58 4.51 -8.42
C ILE A 33 9.15 4.27 -7.94
N GLU A 34 8.43 3.39 -8.63
CA GLU A 34 7.06 3.08 -8.26
C GLU A 34 7.01 2.05 -7.14
N LEU A 35 7.73 0.94 -7.31
CA LEU A 35 7.75 -0.11 -6.31
C LEU A 35 8.14 0.46 -4.95
N LEU A 36 9.26 1.18 -4.92
CA LEU A 36 9.75 1.77 -3.67
C LEU A 36 8.77 2.83 -3.15
N ALA A 37 8.42 3.78 -4.02
CA ALA A 37 7.49 4.84 -3.62
C ALA A 37 6.21 4.24 -3.05
N ALA A 38 5.75 3.15 -3.65
CA ALA A 38 4.54 2.49 -3.18
C ALA A 38 4.81 1.72 -1.90
N CYS A 39 5.95 1.01 -1.87
CA CYS A 39 6.31 0.24 -0.69
C CYS A 39 6.33 1.11 0.56
N ARG A 40 6.88 2.32 0.41
CA ARG A 40 6.95 3.26 1.53
C ARG A 40 5.55 3.72 1.94
N GLU A 41 4.78 4.16 0.95
CA GLU A 41 3.42 4.63 1.22
C GLU A 41 2.62 3.58 1.97
N GLU A 42 2.94 2.31 1.72
CA GLU A 42 2.25 1.22 2.39
C GLU A 42 2.62 1.16 3.86
N PHE A 43 3.92 1.17 4.13
CA PHE A 43 4.40 1.10 5.52
C PHE A 43 3.67 2.13 6.38
N HIS A 44 3.68 3.38 5.94
CA HIS A 44 3.02 4.45 6.69
C HIS A 44 1.54 4.16 6.83
N ARG A 45 0.88 3.86 5.71
CA ARG A 45 -0.54 3.57 5.72
C ARG A 45 -0.86 2.44 6.69
N ARG A 46 -0.10 1.35 6.61
CA ARG A 46 -0.31 0.21 7.50
C ARG A 46 -0.06 0.60 8.95
N LEU A 47 0.91 1.49 9.16
CA LEU A 47 1.25 1.93 10.51
C LEU A 47 0.14 2.82 11.07
N LYS A 48 -0.37 3.72 10.23
CA LYS A 48 -1.43 4.62 10.66
C LYS A 48 -2.61 3.84 11.25
N VAL A 49 -3.10 2.87 10.49
CA VAL A 49 -4.22 2.06 10.95
C VAL A 49 -3.82 1.23 12.17
N TYR A 50 -2.55 0.87 12.24
CA TYR A 50 -2.04 0.07 13.36
C TYR A 50 -2.10 0.88 14.65
N HIS A 51 -1.76 2.16 14.56
CA HIS A 51 -1.77 3.03 15.73
C HIS A 51 -3.18 3.55 16.00
N ALA A 52 -3.87 3.93 14.94
CA ALA A 52 -5.24 4.45 15.07
C ALA A 52 -6.10 3.46 15.85
N TRP A 53 -5.91 2.18 15.59
CA TRP A 53 -6.69 1.15 16.28
C TRP A 53 -6.73 1.42 17.78
N LYS A 54 -5.62 1.93 18.31
CA LYS A 54 -5.52 2.24 19.74
C LYS A 54 -6.19 3.57 20.05
N SER A 55 -5.38 4.61 20.23
CA SER A 55 -5.90 5.94 20.53
C SER A 55 -6.67 5.93 21.84
N LYS A 56 -6.22 6.74 22.80
CA LYS A 56 -6.88 6.81 24.10
C LYS A 56 -7.92 7.92 24.10
N ASN A 57 -8.06 8.59 25.24
CA ASN A 57 -9.03 9.67 25.37
C ASN A 57 -8.45 10.98 24.85
N LYS A 58 -9.27 12.03 24.83
CA LYS A 58 -8.81 13.33 24.35
C LYS A 58 -7.47 13.69 24.96
N LYS A 59 -6.40 13.28 24.30
CA LYS A 59 -5.05 13.56 24.79
C LYS A 59 -4.80 15.07 24.82
N ARG A 60 -5.15 15.70 25.94
CA ARG A 60 -4.96 17.13 26.09
C ARG A 60 -3.51 17.45 26.42
N GLY A 1 -14.58 -15.13 -29.17
CA GLY A 1 -13.62 -14.75 -30.25
C GLY A 1 -12.52 -13.88 -29.65
N PRO A 2 -11.67 -13.35 -30.49
CA PRO A 2 -10.54 -12.48 -30.04
C PRO A 2 -10.98 -11.42 -29.04
N LEU A 3 -10.29 -11.37 -27.90
CA LEU A 3 -10.62 -10.40 -26.87
C LEU A 3 -9.48 -10.28 -25.86
N GLY A 4 -9.14 -9.05 -25.51
CA GLY A 4 -8.06 -8.80 -24.57
C GLY A 4 -8.26 -7.46 -23.84
N SER A 5 -7.56 -7.28 -22.73
CA SER A 5 -7.66 -6.06 -21.96
C SER A 5 -9.13 -5.67 -21.77
N PRO A 6 -9.91 -6.53 -21.19
CA PRO A 6 -11.36 -6.29 -20.94
C PRO A 6 -11.58 -5.27 -19.83
N ASN A 7 -12.85 -5.01 -19.51
CA ASN A 7 -13.18 -4.06 -18.46
C ASN A 7 -12.56 -4.49 -17.13
N SER A 8 -12.83 -3.72 -16.08
CA SER A 8 -12.29 -4.03 -14.76
C SER A 8 -10.80 -4.33 -14.86
N GLY A 9 -9.98 -3.32 -14.57
CA GLY A 9 -8.53 -3.49 -14.63
C GLY A 9 -7.83 -2.42 -13.80
N THR A 10 -6.62 -2.74 -13.33
CA THR A 10 -5.85 -1.79 -12.53
C THR A 10 -5.17 -0.76 -13.42
N LYS A 11 -4.72 0.33 -12.81
CA LYS A 11 -4.04 1.39 -13.55
C LYS A 11 -2.54 1.16 -13.56
N LYS A 12 -1.81 2.01 -12.85
CA LYS A 12 -0.36 1.89 -12.78
C LYS A 12 0.04 0.88 -11.72
N TYR A 13 -0.29 1.17 -10.47
CA TYR A 13 0.04 0.27 -9.36
C TYR A 13 -1.18 0.03 -8.48
N ASP A 14 -1.29 -1.18 -7.94
CA ASP A 14 -2.41 -1.54 -7.07
C ASP A 14 -1.97 -2.56 -6.03
N LEU A 15 -1.90 -2.12 -4.78
CA LEU A 15 -1.49 -3.00 -3.69
C LEU A 15 -2.60 -3.11 -2.65
N SER A 16 -3.77 -3.56 -3.08
CA SER A 16 -4.91 -3.71 -2.17
C SER A 16 -4.44 -4.21 -0.82
N LYS A 17 -3.65 -5.28 -0.83
CA LYS A 17 -3.12 -5.85 0.40
C LYS A 17 -1.93 -6.75 0.08
N TRP A 18 -0.81 -6.50 0.76
CA TRP A 18 0.41 -7.29 0.55
C TRP A 18 0.86 -7.93 1.87
N LYS A 19 1.59 -9.02 1.76
CA LYS A 19 2.09 -9.70 2.96
C LYS A 19 3.38 -9.04 3.45
N TYR A 20 3.77 -9.37 4.68
CA TYR A 20 4.98 -8.80 5.26
C TYR A 20 6.23 -9.39 4.61
N ALA A 21 6.11 -10.64 4.16
CA ALA A 21 7.24 -11.32 3.53
C ALA A 21 7.56 -10.69 2.18
N GLU A 22 6.57 -10.61 1.32
CA GLU A 22 6.76 -10.04 -0.02
C GLU A 22 7.12 -8.56 0.07
N LEU A 23 6.58 -7.87 1.07
CA LEU A 23 6.85 -6.46 1.25
C LEU A 23 8.35 -6.22 1.41
N ARG A 24 8.96 -6.90 2.38
CA ARG A 24 10.38 -6.75 2.63
C ARG A 24 11.20 -7.37 1.51
N ASP A 25 10.72 -8.48 0.96
CA ASP A 25 11.42 -9.16 -0.12
C ASP A 25 11.44 -8.30 -1.38
N THR A 26 10.26 -7.85 -1.80
CA THR A 26 10.15 -7.02 -3.00
C THR A 26 10.97 -5.74 -2.88
N ILE A 27 11.06 -5.19 -1.66
CA ILE A 27 11.81 -3.95 -1.45
C ILE A 27 13.32 -4.23 -1.43
N ASN A 28 13.69 -5.47 -1.14
CA ASN A 28 15.11 -5.84 -1.07
C ASN A 28 15.51 -6.63 -2.32
N THR A 29 14.55 -6.87 -3.20
CA THR A 29 14.82 -7.62 -4.44
C THR A 29 14.50 -6.76 -5.66
N SER A 30 13.32 -6.14 -5.65
CA SER A 30 12.91 -5.29 -6.76
C SER A 30 13.35 -3.85 -6.53
N CYS A 31 13.24 -3.02 -7.56
CA CYS A 31 13.62 -1.62 -7.44
C CYS A 31 12.93 -0.79 -8.52
N ASP A 32 12.20 0.23 -8.09
CA ASP A 32 11.49 1.11 -9.02
C ASP A 32 10.84 2.26 -8.27
N ILE A 33 11.07 3.48 -8.75
CA ILE A 33 10.50 4.67 -8.12
C ILE A 33 9.07 4.39 -7.66
N GLU A 34 8.36 3.53 -8.39
CA GLU A 34 6.98 3.20 -8.05
C GLU A 34 6.93 2.13 -6.96
N LEU A 35 7.66 1.04 -7.17
CA LEU A 35 7.67 -0.05 -6.19
C LEU A 35 8.04 0.48 -4.82
N LEU A 36 9.16 1.20 -4.75
CA LEU A 36 9.63 1.76 -3.49
C LEU A 36 8.63 2.79 -2.95
N ALA A 37 8.29 3.76 -3.77
CA ALA A 37 7.35 4.79 -3.35
C ALA A 37 6.07 4.17 -2.81
N ALA A 38 5.59 3.13 -3.49
CA ALA A 38 4.38 2.45 -3.07
C ALA A 38 4.64 1.63 -1.81
N CYS A 39 5.81 1.01 -1.73
CA CYS A 39 6.16 0.20 -0.57
C CYS A 39 6.06 1.04 0.71
N ARG A 40 6.71 2.20 0.70
CA ARG A 40 6.69 3.07 1.86
C ARG A 40 5.25 3.49 2.19
N GLU A 41 4.49 3.81 1.15
CA GLU A 41 3.10 4.22 1.33
C GLU A 41 2.33 3.15 2.11
N GLU A 42 2.58 1.89 1.77
CA GLU A 42 1.90 0.78 2.44
C GLU A 42 2.28 0.75 3.92
N PHE A 43 3.57 0.79 4.20
CA PHE A 43 4.05 0.77 5.58
C PHE A 43 3.33 1.82 6.41
N HIS A 44 3.35 3.06 5.91
CA HIS A 44 2.69 4.16 6.61
C HIS A 44 1.17 4.00 6.59
N ARG A 45 0.62 3.77 5.41
CA ARG A 45 -0.82 3.61 5.26
C ARG A 45 -1.32 2.48 6.17
N ARG A 46 -0.74 1.30 6.02
CA ARG A 46 -1.14 0.16 6.82
C ARG A 46 -1.19 0.52 8.30
N LEU A 47 -0.15 1.21 8.77
CA LEU A 47 -0.08 1.62 10.17
C LEU A 47 -1.01 2.80 10.42
N LYS A 48 -1.30 3.56 9.37
CA LYS A 48 -2.18 4.72 9.50
C LYS A 48 -3.63 4.27 9.72
N VAL A 49 -4.09 3.37 8.86
CA VAL A 49 -5.46 2.87 8.98
C VAL A 49 -5.61 2.02 10.23
N TYR A 50 -4.51 1.37 10.64
CA TYR A 50 -4.54 0.53 11.83
C TYR A 50 -4.79 1.38 13.08
N HIS A 51 -4.16 2.55 13.12
CA HIS A 51 -4.32 3.45 14.25
C HIS A 51 -5.64 4.20 14.17
N ALA A 52 -6.03 4.55 12.95
CA ALA A 52 -7.28 5.28 12.73
C ALA A 52 -8.46 4.32 12.69
N TRP A 53 -8.17 3.02 12.74
CA TRP A 53 -9.21 2.00 12.71
C TRP A 53 -10.30 2.31 13.73
N LYS A 54 -9.96 3.16 14.71
CA LYS A 54 -10.92 3.54 15.75
C LYS A 54 -10.85 5.04 16.02
N SER A 55 -10.19 5.38 17.13
CA SER A 55 -10.05 6.79 17.50
C SER A 55 -11.38 7.36 17.98
N LYS A 56 -12.46 7.02 17.27
CA LYS A 56 -13.79 7.51 17.62
C LYS A 56 -13.80 9.03 17.71
N ASN A 57 -14.36 9.55 18.80
CA ASN A 57 -14.43 11.00 18.98
C ASN A 57 -13.10 11.54 19.49
N LYS A 58 -12.44 10.77 20.35
CA LYS A 58 -11.16 11.18 20.90
C LYS A 58 -10.13 11.40 19.79
N LYS A 59 -10.26 12.52 19.09
CA LYS A 59 -9.34 12.84 18.01
C LYS A 59 -8.07 13.49 18.55
N ARG A 60 -7.06 13.59 17.71
CA ARG A 60 -5.80 14.20 18.12
C ARG A 60 -6.04 15.42 18.99
N GLY A 1 -15.48 -15.61 -30.54
CA GLY A 1 -14.72 -14.84 -29.52
C GLY A 1 -15.02 -13.35 -29.66
N PRO A 2 -16.24 -12.97 -29.42
CA PRO A 2 -16.69 -11.55 -29.53
C PRO A 2 -16.27 -10.73 -28.31
N LEU A 3 -14.98 -10.73 -28.01
CA LEU A 3 -14.46 -9.99 -26.87
C LEU A 3 -14.80 -8.51 -27.02
N GLY A 4 -15.81 -8.07 -26.28
CA GLY A 4 -16.23 -6.67 -26.33
C GLY A 4 -15.16 -5.76 -25.74
N SER A 5 -15.56 -4.93 -24.77
CA SER A 5 -14.62 -4.02 -24.13
C SER A 5 -15.16 -3.57 -22.77
N PRO A 6 -15.40 -4.49 -21.89
CA PRO A 6 -15.93 -4.19 -20.52
C PRO A 6 -14.86 -3.58 -19.62
N ASN A 7 -15.30 -2.90 -18.56
CA ASN A 7 -14.37 -2.27 -17.63
C ASN A 7 -13.32 -3.27 -17.16
N SER A 8 -12.05 -2.94 -17.37
CA SER A 8 -10.96 -3.82 -16.96
C SER A 8 -9.65 -3.04 -16.89
N GLY A 9 -8.74 -3.53 -16.06
CA GLY A 9 -7.44 -2.87 -15.89
C GLY A 9 -7.45 -1.95 -14.69
N THR A 10 -6.28 -1.41 -14.34
CA THR A 10 -6.16 -0.51 -13.21
C THR A 10 -5.19 0.62 -13.52
N LYS A 11 -5.03 1.54 -12.57
CA LYS A 11 -4.13 2.68 -12.77
C LYS A 11 -2.70 2.20 -13.00
N LYS A 12 -1.76 2.79 -12.27
CA LYS A 12 -0.36 2.42 -12.40
C LYS A 12 -0.01 1.27 -11.46
N TYR A 13 -0.37 1.41 -10.19
CA TYR A 13 -0.08 0.38 -9.20
C TYR A 13 -1.32 0.09 -8.36
N ASP A 14 -1.33 -1.08 -7.73
CA ASP A 14 -2.45 -1.49 -6.89
C ASP A 14 -1.98 -2.49 -5.84
N LEU A 15 -1.98 -2.07 -4.59
CA LEU A 15 -1.55 -2.94 -3.49
C LEU A 15 -2.64 -3.02 -2.42
N SER A 16 -3.79 -3.54 -2.79
CA SER A 16 -4.91 -3.67 -1.84
C SER A 16 -4.38 -4.09 -0.48
N LYS A 17 -3.57 -5.14 -0.46
CA LYS A 17 -3.01 -5.63 0.80
C LYS A 17 -1.84 -6.57 0.50
N TRP A 18 -0.70 -6.29 1.13
CA TRP A 18 0.50 -7.11 0.94
C TRP A 18 0.96 -7.69 2.26
N LYS A 19 1.81 -8.72 2.21
CA LYS A 19 2.32 -9.33 3.43
C LYS A 19 3.64 -8.70 3.85
N TYR A 20 3.97 -8.79 5.13
CA TYR A 20 5.20 -8.20 5.64
C TYR A 20 6.42 -8.85 4.99
N ALA A 21 6.28 -10.12 4.62
CA ALA A 21 7.38 -10.86 4.00
C ALA A 21 7.71 -10.28 2.62
N GLU A 22 6.74 -10.35 1.70
CA GLU A 22 6.95 -9.85 0.35
C GLU A 22 7.31 -8.37 0.37
N LEU A 23 6.78 -7.64 1.36
CA LEU A 23 7.04 -6.21 1.47
C LEU A 23 8.55 -5.96 1.59
N ARG A 24 9.18 -6.60 2.57
CA ARG A 24 10.61 -6.43 2.79
C ARG A 24 11.41 -7.05 1.65
N ASP A 25 10.93 -8.18 1.14
CA ASP A 25 11.61 -8.88 0.06
C ASP A 25 11.57 -8.05 -1.23
N THR A 26 10.37 -7.66 -1.63
CA THR A 26 10.20 -6.88 -2.86
C THR A 26 10.99 -5.58 -2.81
N ILE A 27 11.11 -4.99 -1.62
CA ILE A 27 11.84 -3.73 -1.48
C ILE A 27 13.35 -3.97 -1.50
N ASN A 28 13.76 -5.18 -1.13
CA ASN A 28 15.19 -5.52 -1.11
C ASN A 28 15.57 -6.34 -2.34
N THR A 29 14.57 -6.72 -3.14
CA THR A 29 14.82 -7.51 -4.35
C THR A 29 14.47 -6.70 -5.59
N SER A 30 13.30 -6.08 -5.58
CA SER A 30 12.85 -5.27 -6.71
C SER A 30 13.30 -3.82 -6.52
N CYS A 31 13.19 -3.03 -7.59
CA CYS A 31 13.57 -1.63 -7.52
C CYS A 31 12.87 -0.83 -8.62
N ASP A 32 12.15 0.20 -8.22
CA ASP A 32 11.44 1.04 -9.17
C ASP A 32 10.79 2.22 -8.45
N ILE A 33 11.01 3.42 -8.97
CA ILE A 33 10.45 4.62 -8.36
C ILE A 33 9.02 4.37 -7.90
N GLU A 34 8.32 3.50 -8.60
CA GLU A 34 6.94 3.18 -8.26
C GLU A 34 6.87 2.13 -7.15
N LEU A 35 7.60 1.03 -7.32
CA LEU A 35 7.61 -0.03 -6.32
C LEU A 35 7.97 0.53 -4.95
N LEU A 36 9.09 1.25 -4.90
CA LEU A 36 9.55 1.84 -3.64
C LEU A 36 8.57 2.89 -3.14
N ALA A 37 8.20 3.83 -4.01
CA ALA A 37 7.27 4.88 -3.63
C ALA A 37 6.00 4.28 -3.03
N ALA A 38 5.54 3.19 -3.62
CA ALA A 38 4.33 2.52 -3.14
C ALA A 38 4.63 1.74 -1.86
N CYS A 39 5.79 1.11 -1.81
CA CYS A 39 6.19 0.34 -0.64
C CYS A 39 6.13 1.20 0.62
N ARG A 40 6.74 2.38 0.55
CA ARG A 40 6.76 3.29 1.70
C ARG A 40 5.35 3.78 2.02
N GLU A 41 4.61 4.16 0.98
CA GLU A 41 3.25 4.65 1.16
C GLU A 41 2.40 3.62 1.91
N GLU A 42 2.71 2.34 1.70
CA GLU A 42 1.97 1.27 2.37
C GLU A 42 2.29 1.24 3.85
N PHE A 43 3.58 1.21 4.18
CA PHE A 43 4.02 1.18 5.57
C PHE A 43 3.34 2.31 6.36
N HIS A 44 3.45 3.53 5.85
CA HIS A 44 2.86 4.68 6.52
C HIS A 44 1.34 4.55 6.56
N ARG A 45 0.75 4.08 5.47
CA ARG A 45 -0.70 3.91 5.38
C ARG A 45 -1.18 2.89 6.40
N ARG A 46 -0.60 1.69 6.34
CA ARG A 46 -0.99 0.62 7.26
C ARG A 46 -0.86 1.09 8.71
N LEU A 47 0.30 1.61 9.06
CA LEU A 47 0.54 2.10 10.42
C LEU A 47 -0.49 3.16 10.81
N LYS A 48 -0.93 3.93 9.81
CA LYS A 48 -1.91 4.99 10.07
C LYS A 48 -3.24 4.39 10.53
N VAL A 49 -3.76 3.45 9.76
CA VAL A 49 -5.03 2.81 10.10
C VAL A 49 -4.85 1.83 11.26
N TYR A 50 -3.69 1.18 11.29
CA TYR A 50 -3.40 0.21 12.35
C TYR A 50 -3.63 0.83 13.73
N HIS A 51 -3.14 2.05 13.91
CA HIS A 51 -3.29 2.75 15.17
C HIS A 51 -4.73 3.22 15.36
N ALA A 52 -5.23 3.97 14.38
CA ALA A 52 -6.59 4.48 14.43
C ALA A 52 -7.57 3.34 14.68
N TRP A 53 -7.18 2.13 14.30
CA TRP A 53 -8.04 0.97 14.50
C TRP A 53 -8.61 0.95 15.91
N LYS A 54 -7.72 0.84 16.90
CA LYS A 54 -8.16 0.81 18.29
C LYS A 54 -8.37 2.22 18.81
N SER A 55 -7.52 3.14 18.39
CA SER A 55 -7.63 4.53 18.82
C SER A 55 -7.63 4.62 20.34
N LYS A 56 -8.80 4.42 20.94
CA LYS A 56 -8.94 4.47 22.40
C LYS A 56 -9.60 3.20 22.91
N ASN A 57 -10.88 3.32 23.30
CA ASN A 57 -11.62 2.17 23.81
C ASN A 57 -12.49 1.56 22.70
N LYS A 58 -13.69 2.11 22.55
CA LYS A 58 -14.62 1.62 21.53
C LYS A 58 -14.59 0.09 21.46
N LYS A 59 -15.16 -0.55 22.47
CA LYS A 59 -15.20 -2.00 22.52
C LYS A 59 -16.38 -2.54 21.72
N ARG A 60 -16.60 -3.85 21.80
CA ARG A 60 -17.70 -4.47 21.07
C ARG A 60 -19.03 -3.78 21.42
N GLY A 1 -13.19 -8.52 -21.15
CA GLY A 1 -11.71 -8.32 -21.28
C GLY A 1 -11.28 -7.11 -20.48
N PRO A 2 -11.51 -7.13 -19.19
CA PRO A 2 -11.14 -6.01 -18.28
C PRO A 2 -9.63 -5.93 -18.05
N LEU A 3 -8.88 -6.70 -18.82
CA LEU A 3 -7.42 -6.71 -18.68
C LEU A 3 -6.78 -5.93 -19.83
N GLY A 4 -5.64 -5.31 -19.56
CA GLY A 4 -4.93 -4.53 -20.56
C GLY A 4 -5.91 -3.73 -21.42
N SER A 5 -6.31 -2.57 -20.91
CA SER A 5 -7.25 -1.71 -21.63
C SER A 5 -6.61 -1.21 -22.93
N PRO A 6 -7.41 -0.82 -23.89
CA PRO A 6 -6.91 -0.31 -25.19
C PRO A 6 -6.27 1.08 -25.06
N ASN A 7 -7.02 2.01 -24.48
CA ASN A 7 -6.52 3.37 -24.30
C ASN A 7 -5.08 3.35 -23.80
N SER A 8 -4.33 4.40 -24.15
CA SER A 8 -2.93 4.50 -23.73
C SER A 8 -2.84 4.81 -22.24
N GLY A 9 -3.41 3.95 -21.42
CA GLY A 9 -3.39 4.16 -19.98
C GLY A 9 -4.20 3.09 -19.26
N THR A 10 -3.76 2.72 -18.06
CA THR A 10 -4.45 1.71 -17.27
C THR A 10 -3.94 1.69 -15.84
N LYS A 11 -4.56 0.86 -15.01
CA LYS A 11 -4.16 0.75 -13.61
C LYS A 11 -2.64 0.64 -13.50
N LYS A 12 -2.02 1.67 -12.95
CA LYS A 12 -0.57 1.68 -12.79
C LYS A 12 -0.15 0.66 -11.73
N TYR A 13 -0.42 0.97 -10.47
CA TYR A 13 -0.06 0.09 -9.36
C TYR A 13 -1.28 -0.19 -8.49
N ASP A 14 -1.33 -1.39 -7.91
CA ASP A 14 -2.43 -1.78 -7.05
C ASP A 14 -1.95 -2.75 -5.97
N LEU A 15 -1.91 -2.27 -4.73
CA LEU A 15 -1.46 -3.09 -3.61
C LEU A 15 -2.57 -3.21 -2.56
N SER A 16 -3.72 -3.75 -2.98
CA SER A 16 -4.85 -3.90 -2.07
C SER A 16 -4.37 -4.31 -0.68
N LYS A 17 -3.53 -5.34 -0.65
CA LYS A 17 -2.98 -5.83 0.62
C LYS A 17 -1.78 -6.73 0.35
N TRP A 18 -0.66 -6.43 1.01
CA TRP A 18 0.56 -7.21 0.84
C TRP A 18 1.00 -7.80 2.17
N LYS A 19 1.95 -8.73 2.13
CA LYS A 19 2.46 -9.36 3.35
C LYS A 19 3.74 -8.67 3.79
N TYR A 20 3.99 -8.69 5.09
CA TYR A 20 5.19 -8.07 5.64
C TYR A 20 6.44 -8.70 5.03
N ALA A 21 6.35 -9.97 4.68
CA ALA A 21 7.48 -10.68 4.09
C ALA A 21 7.82 -10.12 2.71
N GLU A 22 6.88 -10.24 1.78
CA GLU A 22 7.09 -9.76 0.42
C GLU A 22 7.40 -8.26 0.42
N LEU A 23 6.87 -7.56 1.41
CA LEU A 23 7.10 -6.12 1.50
C LEU A 23 8.60 -5.82 1.62
N ARG A 24 9.24 -6.44 2.61
CA ARG A 24 10.67 -6.22 2.83
C ARG A 24 11.49 -6.87 1.72
N ASP A 25 11.03 -8.03 1.25
CA ASP A 25 11.73 -8.74 0.18
C ASP A 25 11.69 -7.95 -1.12
N THR A 26 10.50 -7.52 -1.50
CA THR A 26 10.32 -6.76 -2.75
C THR A 26 11.11 -5.45 -2.71
N ILE A 27 11.21 -4.85 -1.52
CA ILE A 27 11.92 -3.59 -1.39
C ILE A 27 13.43 -3.80 -1.40
N ASN A 28 13.85 -5.02 -1.07
CA ASN A 28 15.29 -5.34 -1.04
C ASN A 28 15.68 -6.17 -2.25
N THR A 29 14.71 -6.51 -3.09
CA THR A 29 14.97 -7.30 -4.29
C THR A 29 14.62 -6.52 -5.54
N SER A 30 13.44 -5.91 -5.54
CA SER A 30 12.99 -5.11 -6.69
C SER A 30 13.37 -3.65 -6.48
N CYS A 31 13.22 -2.85 -7.54
CA CYS A 31 13.56 -1.43 -7.46
C CYS A 31 12.84 -0.65 -8.56
N ASP A 32 12.09 0.36 -8.15
CA ASP A 32 11.35 1.19 -9.11
C ASP A 32 10.69 2.35 -8.39
N ILE A 33 10.91 3.56 -8.90
CA ILE A 33 10.33 4.76 -8.31
C ILE A 33 8.90 4.47 -7.81
N GLU A 34 8.21 3.58 -8.51
CA GLU A 34 6.84 3.23 -8.14
C GLU A 34 6.83 2.19 -7.02
N LEU A 35 7.56 1.11 -7.21
CA LEU A 35 7.61 0.05 -6.20
C LEU A 35 8.01 0.63 -4.85
N LEU A 36 9.10 1.37 -4.82
CA LEU A 36 9.58 1.97 -3.58
C LEU A 36 8.58 2.99 -3.05
N ALA A 37 8.20 3.94 -3.90
CA ALA A 37 7.25 4.96 -3.50
C ALA A 37 5.98 4.33 -2.92
N ALA A 38 5.55 3.24 -3.54
CA ALA A 38 4.35 2.54 -3.08
C ALA A 38 4.64 1.77 -1.81
N CYS A 39 5.80 1.10 -1.78
CA CYS A 39 6.18 0.31 -0.61
C CYS A 39 6.10 1.16 0.66
N ARG A 40 6.66 2.37 0.58
CA ARG A 40 6.65 3.27 1.73
C ARG A 40 5.22 3.69 2.07
N GLU A 41 4.45 4.04 1.04
CA GLU A 41 3.07 4.46 1.25
C GLU A 41 2.30 3.38 2.02
N GLU A 42 2.64 2.13 1.78
CA GLU A 42 1.98 1.02 2.45
C GLU A 42 2.33 1.01 3.93
N PHE A 43 3.62 1.15 4.24
CA PHE A 43 4.07 1.16 5.63
C PHE A 43 3.31 2.23 6.42
N HIS A 44 3.26 3.44 5.89
CA HIS A 44 2.57 4.53 6.56
C HIS A 44 1.06 4.33 6.51
N ARG A 45 0.55 4.04 5.31
CA ARG A 45 -0.89 3.83 5.15
C ARG A 45 -1.39 2.74 6.09
N ARG A 46 -0.63 1.64 6.18
CA ARG A 46 -1.01 0.53 7.03
C ARG A 46 -0.87 0.91 8.50
N LEU A 47 0.12 1.74 8.80
CA LEU A 47 0.35 2.19 10.18
C LEU A 47 -0.68 3.23 10.59
N LYS A 48 -1.17 3.99 9.61
CA LYS A 48 -2.17 5.02 9.89
C LYS A 48 -3.50 4.39 10.28
N VAL A 49 -4.00 3.50 9.43
CA VAL A 49 -5.26 2.84 9.69
C VAL A 49 -5.20 2.07 11.00
N TYR A 50 -4.11 1.36 11.23
CA TYR A 50 -3.94 0.59 12.46
C TYR A 50 -4.17 1.48 13.68
N HIS A 51 -3.54 2.64 13.69
CA HIS A 51 -3.69 3.57 14.81
C HIS A 51 -5.12 4.09 14.88
N ALA A 52 -5.82 4.06 13.75
CA ALA A 52 -7.19 4.53 13.70
C ALA A 52 -8.15 3.50 14.29
N TRP A 53 -7.93 2.23 13.95
CA TRP A 53 -8.77 1.15 14.45
C TRP A 53 -8.95 1.28 15.97
N LYS A 54 -7.90 1.02 16.72
CA LYS A 54 -7.97 1.10 18.18
C LYS A 54 -8.05 2.56 18.62
N SER A 55 -7.10 2.97 19.46
CA SER A 55 -7.07 4.34 19.95
C SER A 55 -5.80 4.60 20.76
N LYS A 56 -5.32 5.83 20.75
CA LYS A 56 -4.12 6.20 21.48
C LYS A 56 -4.21 7.64 21.98
N ASN A 57 -3.61 7.90 23.14
CA ASN A 57 -3.61 9.24 23.71
C ASN A 57 -2.57 9.36 24.81
N LYS A 58 -2.89 8.83 25.98
CA LYS A 58 -1.96 8.87 27.12
C LYS A 58 -0.94 7.73 27.00
N LYS A 59 -0.77 6.98 28.08
CA LYS A 59 0.18 5.87 28.10
C LYS A 59 1.46 6.25 27.37
N ARG A 60 2.43 6.76 28.11
CA ARG A 60 3.70 7.16 27.51
C ARG A 60 4.35 5.98 26.79
N GLY A 1 -12.90 10.61 -8.61
CA GLY A 1 -14.09 11.51 -8.61
C GLY A 1 -15.30 10.76 -9.16
N PRO A 2 -15.77 9.78 -8.42
CA PRO A 2 -16.95 8.96 -8.84
C PRO A 2 -18.11 9.82 -9.35
N LEU A 3 -18.24 11.01 -8.79
CA LEU A 3 -19.30 11.92 -9.20
C LEU A 3 -19.37 12.02 -10.73
N GLY A 4 -20.44 12.63 -11.22
CA GLY A 4 -20.61 12.77 -12.66
C GLY A 4 -20.32 11.46 -13.38
N SER A 5 -19.39 11.53 -14.34
CA SER A 5 -19.01 10.33 -15.10
C SER A 5 -18.07 9.45 -14.28
N PRO A 6 -17.93 8.21 -14.66
CA PRO A 6 -17.04 7.25 -13.95
C PRO A 6 -15.57 7.57 -14.15
N ASN A 7 -14.70 6.60 -13.84
CA ASN A 7 -13.26 6.79 -14.00
C ASN A 7 -12.58 5.46 -14.29
N SER A 8 -13.26 4.59 -15.03
CA SER A 8 -12.72 3.28 -15.37
C SER A 8 -11.65 3.43 -16.45
N GLY A 9 -10.49 2.83 -16.20
CA GLY A 9 -9.39 2.89 -17.16
C GLY A 9 -8.25 1.96 -16.75
N THR A 10 -7.07 2.18 -17.32
CA THR A 10 -5.91 1.36 -17.00
C THR A 10 -5.56 1.48 -15.53
N LYS A 11 -4.54 0.75 -15.11
CA LYS A 11 -4.11 0.76 -13.70
C LYS A 11 -2.59 0.64 -13.61
N LYS A 12 -1.95 1.66 -13.08
CA LYS A 12 -0.50 1.66 -12.93
C LYS A 12 -0.07 0.68 -11.85
N TYR A 13 -0.40 1.00 -10.60
CA TYR A 13 -0.05 0.15 -9.47
C TYR A 13 -1.26 -0.11 -8.60
N ASP A 14 -1.33 -1.31 -8.02
CA ASP A 14 -2.44 -1.68 -7.15
C ASP A 14 -1.97 -2.63 -6.06
N LEU A 15 -1.94 -2.13 -4.83
CA LEU A 15 -1.50 -2.94 -3.69
C LEU A 15 -2.61 -3.04 -2.65
N SER A 16 -3.77 -3.53 -3.07
CA SER A 16 -4.91 -3.68 -2.16
C SER A 16 -4.44 -4.13 -0.79
N LYS A 17 -3.64 -5.20 -0.78
CA LYS A 17 -3.11 -5.72 0.47
C LYS A 17 -1.88 -6.58 0.18
N TRP A 18 -0.79 -6.30 0.87
CA TRP A 18 0.46 -7.05 0.68
C TRP A 18 0.93 -7.62 2.02
N LYS A 19 1.58 -8.78 1.97
CA LYS A 19 2.07 -9.41 3.19
C LYS A 19 3.36 -8.73 3.65
N TYR A 20 3.77 -9.01 4.89
CA TYR A 20 4.97 -8.40 5.43
C TYR A 20 6.22 -9.00 4.78
N ALA A 21 6.12 -10.26 4.38
CA ALA A 21 7.25 -10.95 3.76
C ALA A 21 7.55 -10.36 2.38
N GLU A 22 6.54 -10.34 1.52
CA GLU A 22 6.71 -9.81 0.17
C GLU A 22 7.08 -8.32 0.22
N LEU A 23 6.59 -7.62 1.23
CA LEU A 23 6.87 -6.20 1.37
C LEU A 23 8.38 -5.96 1.51
N ARG A 24 8.99 -6.62 2.49
CA ARG A 24 10.43 -6.46 2.71
C ARG A 24 11.22 -7.11 1.59
N ASP A 25 10.74 -8.25 1.10
CA ASP A 25 11.43 -8.97 0.03
C ASP A 25 11.43 -8.15 -1.26
N THR A 26 10.26 -7.68 -1.66
CA THR A 26 10.13 -6.90 -2.89
C THR A 26 10.96 -5.61 -2.81
N ILE A 27 11.06 -5.03 -1.62
CA ILE A 27 11.80 -3.79 -1.46
C ILE A 27 13.31 -4.07 -1.44
N ASN A 28 13.69 -5.30 -1.13
CA ASN A 28 15.10 -5.67 -1.07
C ASN A 28 15.50 -6.49 -2.30
N THR A 29 14.54 -6.74 -3.18
CA THR A 29 14.79 -7.50 -4.40
C THR A 29 14.47 -6.68 -5.64
N SER A 30 13.30 -6.04 -5.64
CA SER A 30 12.88 -5.22 -6.76
C SER A 30 13.27 -3.77 -6.53
N CYS A 31 13.17 -2.96 -7.58
CA CYS A 31 13.53 -1.55 -7.49
C CYS A 31 12.86 -0.74 -8.58
N ASP A 32 12.11 0.29 -8.18
CA ASP A 32 11.42 1.14 -9.15
C ASP A 32 10.76 2.32 -8.43
N ILE A 33 10.99 3.52 -8.96
CA ILE A 33 10.41 4.72 -8.35
C ILE A 33 8.99 4.46 -7.86
N GLU A 34 8.28 3.58 -8.56
CA GLU A 34 6.91 3.26 -8.19
C GLU A 34 6.87 2.22 -7.08
N LEU A 35 7.60 1.13 -7.27
CA LEU A 35 7.62 0.06 -6.27
C LEU A 35 8.02 0.62 -4.91
N LEU A 36 9.12 1.35 -4.87
CA LEU A 36 9.60 1.94 -3.62
C LEU A 36 8.61 2.99 -3.09
N ALA A 37 8.27 3.95 -3.96
CA ALA A 37 7.33 4.99 -3.56
C ALA A 37 6.06 4.39 -2.98
N ALA A 38 5.60 3.31 -3.59
CA ALA A 38 4.39 2.64 -3.13
C ALA A 38 4.67 1.86 -1.85
N CYS A 39 5.79 1.15 -1.82
CA CYS A 39 6.16 0.37 -0.65
C CYS A 39 6.11 1.22 0.61
N ARG A 40 6.75 2.38 0.56
CA ARG A 40 6.77 3.29 1.71
C ARG A 40 5.37 3.80 2.01
N GLU A 41 4.66 4.26 0.99
CA GLU A 41 3.32 4.78 1.16
C GLU A 41 2.44 3.75 1.85
N GLU A 42 2.69 2.46 1.58
CA GLU A 42 1.92 1.40 2.19
C GLU A 42 2.21 1.28 3.68
N PHE A 43 3.50 1.25 4.01
CA PHE A 43 3.91 1.14 5.41
C PHE A 43 3.18 2.19 6.25
N HIS A 44 3.25 3.44 5.83
CA HIS A 44 2.59 4.53 6.55
C HIS A 44 1.09 4.30 6.61
N ARG A 45 0.53 3.71 5.54
CA ARG A 45 -0.89 3.44 5.48
C ARG A 45 -1.28 2.32 6.44
N ARG A 46 -0.62 1.18 6.29
CA ARG A 46 -0.90 0.03 7.15
C ARG A 46 -0.60 0.37 8.61
N LEU A 47 0.42 1.19 8.83
CA LEU A 47 0.80 1.58 10.18
C LEU A 47 -0.22 2.53 10.77
N LYS A 48 -0.77 3.41 9.93
CA LYS A 48 -1.76 4.38 10.39
C LYS A 48 -3.02 3.66 10.88
N VAL A 49 -3.57 2.81 10.03
CA VAL A 49 -4.78 2.07 10.39
C VAL A 49 -4.50 1.08 11.52
N TYR A 50 -3.34 0.44 11.47
CA TYR A 50 -2.97 -0.53 12.49
C TYR A 50 -2.96 0.14 13.87
N HIS A 51 -2.42 1.35 13.93
CA HIS A 51 -2.35 2.07 15.20
C HIS A 51 -3.69 2.72 15.51
N ALA A 52 -4.39 3.18 14.47
CA ALA A 52 -5.68 3.83 14.65
C ALA A 52 -6.80 2.79 14.66
N TRP A 53 -6.41 1.52 14.65
CA TRP A 53 -7.39 0.42 14.68
C TRP A 53 -8.26 0.50 15.92
N LYS A 54 -8.01 1.50 16.76
CA LYS A 54 -8.77 1.67 17.99
C LYS A 54 -10.25 1.42 17.74
N SER A 55 -10.95 2.45 17.27
CA SER A 55 -12.37 2.34 16.99
C SER A 55 -12.61 1.51 15.73
N LYS A 56 -13.78 0.88 15.65
CA LYS A 56 -14.11 0.06 14.49
C LYS A 56 -15.62 0.03 14.28
N ASN A 57 -16.38 0.29 15.35
CA ASN A 57 -17.82 0.29 15.27
C ASN A 57 -18.31 1.38 14.33
N LYS A 58 -19.62 1.65 14.36
CA LYS A 58 -20.19 2.68 13.51
C LYS A 58 -19.89 4.06 14.06
N LYS A 59 -18.64 4.27 14.48
CA LYS A 59 -18.23 5.55 15.04
C LYS A 59 -19.31 6.13 15.93
N ARG A 60 -20.01 5.26 16.65
CA ARG A 60 -21.09 5.70 17.54
C ARG A 60 -20.54 6.67 18.59
N GLY A 1 -17.51 10.40 -25.10
CA GLY A 1 -16.63 11.58 -25.36
C GLY A 1 -15.26 11.09 -25.83
N PRO A 2 -14.52 10.47 -24.95
CA PRO A 2 -13.15 9.94 -25.27
C PRO A 2 -13.22 8.70 -26.16
N LEU A 3 -13.44 8.90 -27.45
CA LEU A 3 -13.51 7.79 -28.39
C LEU A 3 -12.27 6.90 -28.28
N GLY A 4 -12.14 5.98 -29.21
CA GLY A 4 -10.99 5.07 -29.21
C GLY A 4 -11.08 4.10 -28.03
N SER A 5 -10.49 4.49 -26.91
CA SER A 5 -10.50 3.64 -25.72
C SER A 5 -10.16 2.20 -26.08
N PRO A 6 -8.92 1.95 -26.43
CA PRO A 6 -8.44 0.59 -26.82
C PRO A 6 -8.90 -0.47 -25.82
N ASN A 7 -8.51 -0.30 -24.56
CA ASN A 7 -8.88 -1.26 -23.52
C ASN A 7 -8.68 -0.65 -22.14
N SER A 8 -8.81 0.67 -22.05
CA SER A 8 -8.63 1.36 -20.78
C SER A 8 -9.41 0.66 -19.67
N GLY A 9 -8.70 0.15 -18.68
CA GLY A 9 -9.34 -0.54 -17.57
C GLY A 9 -8.35 -0.71 -16.40
N THR A 10 -7.21 -1.31 -16.68
CA THR A 10 -6.20 -1.53 -15.65
C THR A 10 -5.56 -0.21 -15.24
N LYS A 11 -4.87 -0.22 -14.11
CA LYS A 11 -4.21 0.98 -13.61
C LYS A 11 -2.70 0.80 -13.59
N LYS A 12 -2.00 1.70 -12.90
CA LYS A 12 -0.55 1.63 -12.82
C LYS A 12 -0.11 0.64 -11.73
N TYR A 13 -0.39 0.99 -10.48
CA TYR A 13 -0.02 0.13 -9.35
C TYR A 13 -1.24 -0.12 -8.46
N ASP A 14 -1.35 -1.33 -7.93
CA ASP A 14 -2.46 -1.68 -7.07
C ASP A 14 -1.98 -2.64 -5.97
N LEU A 15 -1.95 -2.14 -4.74
CA LEU A 15 -1.50 -2.95 -3.60
C LEU A 15 -2.59 -3.01 -2.54
N SER A 16 -3.77 -3.47 -2.92
CA SER A 16 -4.88 -3.58 -1.98
C SER A 16 -4.38 -4.09 -0.63
N LYS A 17 -3.64 -5.18 -0.67
CA LYS A 17 -3.09 -5.78 0.55
C LYS A 17 -1.96 -6.73 0.20
N TRP A 18 -0.81 -6.53 0.84
CA TRP A 18 0.36 -7.38 0.60
C TRP A 18 0.79 -8.07 1.90
N LYS A 19 1.68 -9.06 1.77
CA LYS A 19 2.16 -9.78 2.94
C LYS A 19 3.46 -9.15 3.45
N TYR A 20 3.78 -9.41 4.71
CA TYR A 20 4.99 -8.85 5.30
C TYR A 20 6.24 -9.44 4.65
N ALA A 21 6.13 -10.67 4.17
CA ALA A 21 7.25 -11.34 3.53
C ALA A 21 7.58 -10.68 2.20
N GLU A 22 6.62 -10.70 1.27
CA GLU A 22 6.83 -10.11 -0.04
C GLU A 22 7.16 -8.62 0.08
N LEU A 23 6.62 -7.96 1.10
CA LEU A 23 6.87 -6.54 1.31
C LEU A 23 8.36 -6.28 1.48
N ARG A 24 8.97 -6.97 2.44
CA ARG A 24 10.39 -6.80 2.70
C ARG A 24 11.22 -7.38 1.56
N ASP A 25 10.75 -8.48 0.98
CA ASP A 25 11.47 -9.12 -0.11
C ASP A 25 11.46 -8.24 -1.36
N THR A 26 10.27 -7.83 -1.79
CA THR A 26 10.13 -7.01 -2.97
C THR A 26 10.92 -5.71 -2.85
N ILE A 27 11.01 -5.17 -1.63
CA ILE A 27 11.73 -3.92 -1.41
C ILE A 27 13.24 -4.17 -1.41
N ASN A 28 13.64 -5.39 -1.08
CA ASN A 28 15.07 -5.73 -1.03
C ASN A 28 15.47 -6.51 -2.27
N THR A 29 14.50 -6.84 -3.12
CA THR A 29 14.78 -7.58 -4.35
C THR A 29 14.45 -6.74 -5.57
N SER A 30 13.26 -6.13 -5.56
CA SER A 30 12.84 -5.29 -6.68
C SER A 30 13.28 -3.85 -6.45
N CYS A 31 13.17 -3.03 -7.49
CA CYS A 31 13.54 -1.63 -7.39
C CYS A 31 12.84 -0.81 -8.47
N ASP A 32 12.11 0.20 -8.06
CA ASP A 32 11.40 1.07 -8.99
C ASP A 32 10.74 2.23 -8.26
N ILE A 33 10.96 3.44 -8.77
CA ILE A 33 10.39 4.63 -8.15
C ILE A 33 8.96 4.36 -7.68
N GLU A 34 8.26 3.49 -8.40
CA GLU A 34 6.89 3.16 -8.05
C GLU A 34 6.84 2.11 -6.94
N LEU A 35 7.56 1.02 -7.13
CA LEU A 35 7.58 -0.06 -6.14
C LEU A 35 7.96 0.50 -4.78
N LEU A 36 9.08 1.21 -4.72
CA LEU A 36 9.56 1.78 -3.47
C LEU A 36 8.60 2.84 -2.94
N ALA A 37 8.25 3.80 -3.78
CA ALA A 37 7.33 4.86 -3.36
C ALA A 37 6.06 4.26 -2.79
N ALA A 38 5.58 3.19 -3.42
CA ALA A 38 4.36 2.53 -2.97
C ALA A 38 4.63 1.71 -1.70
N CYS A 39 5.75 1.00 -1.70
CA CYS A 39 6.11 0.18 -0.54
C CYS A 39 6.05 1.00 0.74
N ARG A 40 6.71 2.16 0.73
CA ARG A 40 6.73 3.04 1.89
C ARG A 40 5.31 3.51 2.23
N GLU A 41 4.58 3.95 1.21
CA GLU A 41 3.23 4.43 1.40
C GLU A 41 2.38 3.37 2.11
N GLU A 42 2.67 2.10 1.83
CA GLU A 42 1.92 1.01 2.45
C GLU A 42 2.32 0.85 3.91
N PHE A 43 3.61 1.01 4.19
CA PHE A 43 4.11 0.87 5.55
C PHE A 43 3.63 2.03 6.41
N HIS A 44 3.87 3.25 5.97
CA HIS A 44 3.46 4.42 6.71
C HIS A 44 1.94 4.47 6.86
N ARG A 45 1.23 4.31 5.76
CA ARG A 45 -0.23 4.34 5.79
C ARG A 45 -0.77 3.30 6.77
N ARG A 46 -0.24 2.09 6.69
CA ARG A 46 -0.68 1.02 7.59
C ARG A 46 -0.23 1.29 9.02
N LEU A 47 0.96 1.87 9.16
CA LEU A 47 1.49 2.17 10.48
C LEU A 47 0.77 3.39 11.09
N LYS A 48 0.31 4.28 10.22
CA LYS A 48 -0.40 5.48 10.67
C LYS A 48 -1.74 5.10 11.31
N VAL A 49 -2.50 4.28 10.61
CA VAL A 49 -3.81 3.86 11.12
C VAL A 49 -3.63 2.88 12.27
N TYR A 50 -2.63 2.01 12.17
CA TYR A 50 -2.39 1.02 13.22
C TYR A 50 -1.93 1.71 14.50
N HIS A 51 -1.08 2.73 14.35
CA HIS A 51 -0.57 3.46 15.51
C HIS A 51 -1.68 4.33 16.11
N ALA A 52 -2.51 4.91 15.26
CA ALA A 52 -3.59 5.77 15.73
C ALA A 52 -4.77 4.92 16.20
N TRP A 53 -4.76 3.64 15.84
CA TRP A 53 -5.83 2.73 16.25
C TRP A 53 -5.99 2.74 17.77
N LYS A 54 -4.87 2.87 18.47
CA LYS A 54 -4.89 2.88 19.93
C LYS A 54 -5.29 4.27 20.44
N SER A 55 -4.35 5.21 20.36
CA SER A 55 -4.61 6.57 20.83
C SER A 55 -4.68 6.62 22.35
N LYS A 56 -5.56 5.82 22.93
CA LYS A 56 -5.71 5.78 24.38
C LYS A 56 -4.55 5.05 25.02
N ASN A 57 -4.83 4.33 26.10
CA ASN A 57 -3.79 3.57 26.80
C ASN A 57 -4.42 2.60 27.79
N LYS A 58 -4.51 1.33 27.39
CA LYS A 58 -5.08 0.31 28.25
C LYS A 58 -4.30 0.20 29.56
N LYS A 59 -4.68 1.03 30.53
CA LYS A 59 -4.01 1.02 31.83
C LYS A 59 -5.01 0.74 32.94
N ARG A 60 -4.54 0.08 34.00
CA ARG A 60 -5.40 -0.25 35.13
C ARG A 60 -6.16 0.98 35.60
N GLY A 1 -4.53 15.22 -2.79
CA GLY A 1 -3.47 14.43 -3.46
C GLY A 1 -4.08 13.61 -4.59
N PRO A 2 -3.31 12.72 -5.17
CA PRO A 2 -3.78 11.85 -6.29
C PRO A 2 -5.15 11.22 -6.00
N LEU A 3 -6.15 11.58 -6.78
CA LEU A 3 -7.49 11.04 -6.60
C LEU A 3 -8.40 11.46 -7.75
N GLY A 4 -9.35 10.60 -8.08
CA GLY A 4 -10.29 10.88 -9.17
C GLY A 4 -11.71 10.48 -8.78
N SER A 5 -12.24 9.47 -9.46
CA SER A 5 -13.59 9.00 -9.17
C SER A 5 -13.59 8.04 -7.98
N PRO A 6 -14.74 7.73 -7.45
CA PRO A 6 -14.86 6.80 -6.29
C PRO A 6 -13.99 5.57 -6.44
N ASN A 7 -13.47 5.36 -7.65
CA ASN A 7 -12.61 4.20 -7.91
C ASN A 7 -11.62 4.00 -6.77
N SER A 8 -11.00 5.09 -6.33
CA SER A 8 -10.03 5.03 -5.24
C SER A 8 -8.94 4.01 -5.56
N GLY A 9 -8.22 4.23 -6.65
CA GLY A 9 -7.16 3.32 -7.05
C GLY A 9 -6.61 3.69 -8.43
N THR A 10 -5.30 3.90 -8.50
CA THR A 10 -4.66 4.26 -9.77
C THR A 10 -4.66 3.07 -10.72
N LYS A 11 -4.31 3.33 -11.98
CA LYS A 11 -4.26 2.27 -12.98
C LYS A 11 -2.83 1.79 -13.18
N LYS A 12 -1.89 2.44 -12.51
CA LYS A 12 -0.48 2.07 -12.62
C LYS A 12 -0.14 0.94 -11.66
N TYR A 13 -0.34 1.19 -10.37
CA TYR A 13 -0.03 0.19 -9.34
C TYR A 13 -1.27 -0.10 -8.49
N ASP A 14 -1.28 -1.27 -7.88
CA ASP A 14 -2.40 -1.68 -7.03
C ASP A 14 -1.92 -2.65 -5.96
N LEU A 15 -1.89 -2.19 -4.71
CA LEU A 15 -1.45 -3.03 -3.60
C LEU A 15 -2.54 -3.12 -2.54
N SER A 16 -3.70 -3.65 -2.93
CA SER A 16 -4.81 -3.79 -2.00
C SER A 16 -4.31 -4.23 -0.62
N LYS A 17 -3.49 -5.27 -0.61
CA LYS A 17 -2.92 -5.77 0.64
C LYS A 17 -1.74 -6.68 0.34
N TRP A 18 -0.61 -6.41 0.99
CA TRP A 18 0.60 -7.20 0.79
C TRP A 18 1.07 -7.79 2.12
N LYS A 19 1.91 -8.81 2.04
CA LYS A 19 2.42 -9.45 3.26
C LYS A 19 3.71 -8.77 3.71
N TYR A 20 4.12 -9.02 4.95
CA TYR A 20 5.33 -8.42 5.49
C TYR A 20 6.58 -9.03 4.85
N ALA A 21 6.47 -10.30 4.46
CA ALA A 21 7.59 -10.99 3.83
C ALA A 21 7.89 -10.41 2.45
N GLU A 22 6.87 -10.38 1.60
CA GLU A 22 7.04 -9.87 0.24
C GLU A 22 7.36 -8.37 0.26
N LEU A 23 6.82 -7.66 1.25
CA LEU A 23 7.06 -6.24 1.35
C LEU A 23 8.56 -5.95 1.48
N ARG A 24 9.20 -6.58 2.46
CA ARG A 24 10.62 -6.38 2.69
C ARG A 24 11.44 -7.02 1.57
N ASP A 25 11.00 -8.19 1.13
CA ASP A 25 11.71 -8.90 0.06
C ASP A 25 11.67 -8.10 -1.24
N THR A 26 10.48 -7.68 -1.64
CA THR A 26 10.32 -6.92 -2.88
C THR A 26 11.12 -5.62 -2.84
N ILE A 27 11.22 -5.02 -1.66
CA ILE A 27 11.95 -3.76 -1.52
C ILE A 27 13.46 -4.01 -1.52
N ASN A 28 13.85 -5.23 -1.20
CA ASN A 28 15.28 -5.59 -1.15
C ASN A 28 15.67 -6.41 -2.38
N THR A 29 14.69 -6.77 -3.20
CA THR A 29 14.94 -7.55 -4.40
C THR A 29 14.58 -6.76 -5.64
N SER A 30 13.40 -6.14 -5.64
CA SER A 30 12.95 -5.34 -6.76
C SER A 30 13.35 -3.89 -6.57
N CYS A 31 13.22 -3.09 -7.63
CA CYS A 31 13.59 -1.68 -7.56
C CYS A 31 12.88 -0.89 -8.66
N ASP A 32 12.15 0.14 -8.25
CA ASP A 32 11.44 0.98 -9.22
C ASP A 32 10.79 2.16 -8.49
N ILE A 33 11.02 3.37 -9.02
CA ILE A 33 10.46 4.56 -8.41
C ILE A 33 9.03 4.32 -7.92
N GLU A 34 8.32 3.44 -8.62
CA GLU A 34 6.94 3.13 -8.25
C GLU A 34 6.89 2.08 -7.13
N LEU A 35 7.62 0.99 -7.33
CA LEU A 35 7.65 -0.08 -6.33
C LEU A 35 8.01 0.48 -4.95
N LEU A 36 9.12 1.21 -4.90
CA LEU A 36 9.58 1.79 -3.65
C LEU A 36 8.61 2.85 -3.14
N ALA A 37 8.27 3.80 -4.00
CA ALA A 37 7.35 4.86 -3.62
C ALA A 37 6.07 4.27 -3.06
N ALA A 38 5.60 3.18 -3.66
CA ALA A 38 4.39 2.52 -3.21
C ALA A 38 4.64 1.75 -1.92
N CYS A 39 5.83 1.17 -1.81
CA CYS A 39 6.19 0.40 -0.62
C CYS A 39 6.14 1.29 0.62
N ARG A 40 6.84 2.42 0.56
CA ARG A 40 6.88 3.33 1.69
C ARG A 40 5.49 3.84 2.03
N GLU A 41 4.75 4.26 1.00
CA GLU A 41 3.40 4.77 1.19
C GLU A 41 2.55 3.76 1.96
N GLU A 42 2.78 2.48 1.69
CA GLU A 42 2.03 1.43 2.36
C GLU A 42 2.40 1.34 3.84
N PHE A 43 3.70 1.26 4.11
CA PHE A 43 4.19 1.17 5.48
C PHE A 43 3.53 2.25 6.35
N HIS A 44 3.61 3.49 5.90
CA HIS A 44 3.03 4.60 6.64
C HIS A 44 1.52 4.45 6.74
N ARG A 45 0.91 3.85 5.73
CA ARG A 45 -0.53 3.64 5.72
C ARG A 45 -0.94 2.60 6.76
N ARG A 46 -0.34 1.42 6.68
CA ARG A 46 -0.67 0.35 7.62
C ARG A 46 -0.36 0.79 9.05
N LEU A 47 0.71 1.56 9.22
CA LEU A 47 1.08 2.04 10.55
C LEU A 47 0.10 3.10 11.03
N LYS A 48 -0.55 3.77 10.08
CA LYS A 48 -1.52 4.81 10.42
C LYS A 48 -2.75 4.19 11.09
N VAL A 49 -3.34 3.21 10.42
CA VAL A 49 -4.53 2.55 10.97
C VAL A 49 -4.16 1.71 12.18
N TYR A 50 -3.00 1.06 12.12
CA TYR A 50 -2.55 0.22 13.23
C TYR A 50 -2.60 1.00 14.54
N HIS A 51 -2.09 2.23 14.51
CA HIS A 51 -2.07 3.06 15.70
C HIS A 51 -3.49 3.53 16.05
N ALA A 52 -4.23 3.96 15.04
CA ALA A 52 -5.60 4.43 15.25
C ALA A 52 -6.45 3.34 15.90
N TRP A 53 -6.33 2.11 15.39
CA TRP A 53 -7.09 0.99 15.94
C TRP A 53 -7.00 0.97 17.46
N LYS A 54 -5.78 1.12 17.97
CA LYS A 54 -5.57 1.12 19.42
C LYS A 54 -6.46 2.16 20.09
N SER A 55 -5.87 3.28 20.45
CA SER A 55 -6.62 4.36 21.11
C SER A 55 -7.24 5.29 20.07
N LYS A 56 -7.74 6.43 20.54
CA LYS A 56 -8.36 7.40 19.66
C LYS A 56 -9.49 6.75 18.85
N ASN A 57 -10.15 5.78 19.46
CA ASN A 57 -11.25 5.08 18.79
C ASN A 57 -12.57 5.78 19.07
N LYS A 58 -13.29 6.13 18.00
CA LYS A 58 -14.58 6.82 18.14
C LYS A 58 -14.42 8.09 18.97
N LYS A 59 -14.55 9.23 18.30
CA LYS A 59 -14.42 10.51 18.97
C LYS A 59 -13.06 10.62 19.67
N ARG A 60 -13.06 11.20 20.87
CA ARG A 60 -11.83 11.36 21.63
C ARG A 60 -12.03 10.91 23.08
#